data_5JJ6
#
_entry.id   5JJ6
#
_cell.length_a   192.152
_cell.length_b   192.152
_cell.length_c   182.516
_cell.angle_alpha   90.00
_cell.angle_beta   90.00
_cell.angle_gamma   120.00
#
_symmetry.space_group_name_H-M   'H 3 2'
#
loop_
_entity.id
_entity.type
_entity.pdbx_description
1 polymer 'Adenosine monophosphate-protein transferase FICD homolog'
2 non-polymer 'SULFATE ION'
3 water water
#
_entity_poly.entity_id   1
_entity_poly.type   'polypeptide(L)'
_entity_poly.pdbx_seq_one_letter_code
;MHHHHHHDEKRENDPAKVKEAILAAKAAGRSRKDGNLERAMTIMEHAMALAPTNPQILIEMGQIREMHNELVEADQCYVK
ALAYDPGNSEALVLRARTTPLVSAIDRKMLRSVHDLRDEFNHLQHSTALRRMMRETYFLYVYHTVAIEGNTLSLGQTRAI
LESGMVIPGKSIREHNEVIGMDAALRFLNCSLLSKEHDEISIDDILEMHRRVLGNADPVEAGRIRTTQVYVGRFTPVSPE
YVMEQLKDIVDWLNDESTLTIDPIERAAIAHYKLVLVHPFTDGNGRTARLLLNLIMMRSGFPPVILPVETRAEYYASLHV
ANLGDLRPFVRYVAKHSEASIQRYIGAMKTSSDNILNSGDSKLTPEESEVSEKIEAECRAGN
;
_entity_poly.pdbx_strand_id   A,B
#
loop_
_chem_comp.id
_chem_comp.type
_chem_comp.name
_chem_comp.formula
SO4 non-polymer 'SULFATE ION' 'O4 S -2'
#
# COMPACT_ATOMS: atom_id res chain seq x y z
N LYS A 19 17.48 32.18 -35.23
CA LYS A 19 17.78 33.28 -36.12
C LYS A 19 19.18 33.18 -36.70
N GLU A 20 19.38 33.87 -37.81
CA GLU A 20 20.61 33.76 -38.56
C GLU A 20 21.70 34.76 -38.20
N ALA A 21 21.53 35.51 -37.10
CA ALA A 21 22.65 36.30 -36.60
C ALA A 21 23.89 35.42 -36.44
N ILE A 22 23.70 34.26 -35.82
CA ILE A 22 24.79 33.36 -35.61
C ILE A 22 24.73 32.07 -36.48
N LEU A 23 23.79 31.92 -37.41
CA LEU A 23 24.14 30.93 -38.42
C LEU A 23 25.12 31.69 -39.34
N ALA A 24 24.90 33.00 -39.45
CA ALA A 24 25.84 33.87 -40.16
C ALA A 24 27.20 33.85 -39.47
N ALA A 25 27.21 34.02 -38.13
CA ALA A 25 28.48 33.86 -37.41
C ALA A 25 28.86 32.35 -37.36
N LYS A 26 27.96 31.48 -37.78
CA LYS A 26 28.31 30.06 -37.88
C LYS A 26 29.20 29.95 -39.11
N ALA A 27 29.12 30.95 -39.98
CA ALA A 27 29.99 31.03 -41.14
C ALA A 27 31.27 31.76 -40.73
N ALA A 28 31.11 32.75 -39.84
CA ALA A 28 32.30 33.35 -39.21
C ALA A 28 33.08 32.21 -38.56
N GLY A 29 32.35 31.30 -37.93
CA GLY A 29 32.91 30.09 -37.37
C GLY A 29 33.16 29.04 -38.44
N ARG A 30 32.79 29.32 -39.69
CA ARG A 30 33.10 28.39 -40.79
C ARG A 30 34.54 28.60 -41.19
N SER A 31 34.95 29.85 -41.38
CA SER A 31 36.36 30.03 -41.71
C SER A 31 37.19 30.22 -40.43
N ARG A 32 36.46 30.28 -39.31
CA ARG A 32 37.13 30.12 -38.04
C ARG A 32 37.42 28.65 -37.78
N LYS A 33 36.60 27.79 -38.40
CA LYS A 33 36.75 26.34 -38.28
C LYS A 33 37.84 25.90 -39.24
N ASP A 34 37.97 26.60 -40.36
CA ASP A 34 39.14 26.36 -41.19
C ASP A 34 40.02 27.61 -40.98
N GLY A 35 40.16 27.99 -39.71
CA GLY A 35 41.15 28.96 -39.30
C GLY A 35 41.99 28.39 -38.17
N ASN A 36 41.66 27.15 -37.78
CA ASN A 36 42.37 26.41 -36.73
C ASN A 36 42.56 27.21 -35.45
N LEU A 37 41.50 27.29 -34.66
CA LEU A 37 41.58 28.02 -33.41
C LEU A 37 40.50 27.56 -32.44
N GLU A 38 40.78 27.69 -31.14
CA GLU A 38 39.73 27.56 -30.14
C GLU A 38 38.73 28.71 -30.33
N ARG A 39 39.08 29.67 -31.20
CA ARG A 39 38.17 30.70 -31.70
C ARG A 39 36.97 30.09 -32.39
N ALA A 40 37.18 29.17 -33.31
CA ALA A 40 36.08 28.44 -33.91
C ALA A 40 35.12 27.89 -32.87
N MET A 41 35.70 27.28 -31.86
CA MET A 41 34.95 26.69 -30.76
C MET A 41 34.15 27.78 -30.06
N THR A 42 34.81 28.90 -29.73
CA THR A 42 34.14 30.04 -29.08
C THR A 42 32.89 30.39 -29.83
N ILE A 43 33.07 30.53 -31.13
CA ILE A 43 32.00 30.99 -31.97
C ILE A 43 30.85 29.97 -31.94
N MET A 44 31.18 28.70 -32.10
CA MET A 44 30.18 27.65 -32.06
C MET A 44 29.48 27.47 -30.70
N GLU A 45 30.11 27.91 -29.62
CA GLU A 45 29.52 27.74 -28.30
C GLU A 45 28.53 28.84 -27.98
N HIS A 46 28.89 30.09 -28.31
CA HIS A 46 27.90 31.16 -28.13
C HIS A 46 26.76 30.84 -29.11
N ALA A 47 27.13 30.19 -30.22
CA ALA A 47 26.18 29.78 -31.24
C ALA A 47 25.11 28.85 -30.69
N MET A 48 25.59 27.69 -30.25
CA MET A 48 24.76 26.64 -29.69
C MET A 48 23.89 27.13 -28.54
N ALA A 49 24.46 27.92 -27.64
CA ALA A 49 23.68 28.39 -26.50
C ALA A 49 22.44 29.19 -26.93
N LEU A 50 22.54 29.85 -28.08
CA LEU A 50 21.47 30.67 -28.66
C LEU A 50 20.64 29.97 -29.75
N ALA A 51 21.05 28.76 -30.14
CA ALA A 51 20.54 28.13 -31.34
C ALA A 51 20.15 26.66 -31.20
N PRO A 52 18.83 26.40 -31.13
CA PRO A 52 18.16 25.12 -30.83
C PRO A 52 18.24 24.02 -31.91
N THR A 53 17.25 24.00 -32.80
CA THR A 53 17.01 22.88 -33.69
C THR A 53 17.34 23.17 -35.16
N ASN A 54 18.13 24.20 -35.41
CA ASN A 54 18.51 24.58 -36.77
C ASN A 54 19.66 23.72 -37.29
N PRO A 55 19.39 22.92 -38.33
CA PRO A 55 20.26 21.87 -38.85
C PRO A 55 21.67 22.34 -39.25
N GLN A 56 21.77 23.55 -39.81
CA GLN A 56 23.08 24.06 -40.23
C GLN A 56 23.98 24.27 -39.03
N ILE A 57 23.38 24.78 -37.96
CA ILE A 57 24.09 25.05 -36.72
C ILE A 57 24.58 23.75 -36.10
N LEU A 58 23.69 22.76 -36.06
CA LEU A 58 24.05 21.43 -35.57
C LEU A 58 25.18 20.82 -36.38
N ILE A 59 25.11 20.94 -37.71
CA ILE A 59 26.13 20.39 -38.59
C ILE A 59 27.48 21.03 -38.28
N GLU A 60 27.49 22.37 -38.23
CA GLU A 60 28.70 23.13 -37.98
C GLU A 60 29.32 22.71 -36.66
N MET A 61 28.49 22.71 -35.61
CA MET A 61 28.91 22.21 -34.30
C MET A 61 29.50 20.81 -34.40
N GLY A 62 28.85 19.95 -35.17
CA GLY A 62 29.33 18.60 -35.37
C GLY A 62 30.76 18.55 -35.88
N GLN A 63 31.03 19.21 -37.00
CA GLN A 63 32.37 19.11 -37.57
C GLN A 63 33.41 19.86 -36.73
N ILE A 64 32.96 20.88 -36.01
CA ILE A 64 33.85 21.55 -35.06
C ILE A 64 34.27 20.57 -33.96
N ARG A 65 33.31 19.80 -33.46
CA ARG A 65 33.61 18.75 -32.49
C ARG A 65 34.56 17.73 -33.08
N GLU A 66 34.31 17.37 -34.33
CA GLU A 66 35.14 16.41 -35.03
C GLU A 66 36.58 16.92 -35.17
N MET A 67 36.72 18.24 -35.27
CA MET A 67 38.03 18.87 -35.37
C MET A 67 38.76 18.75 -34.03
N HIS A 68 37.99 18.68 -32.94
CA HIS A 68 38.58 18.47 -31.61
C HIS A 68 38.62 16.99 -31.26
N ASN A 69 38.62 16.14 -32.30
CA ASN A 69 38.63 14.69 -32.16
C ASN A 69 37.53 14.14 -31.23
N GLU A 70 36.34 14.75 -31.30
CA GLU A 70 35.18 14.24 -30.57
C GLU A 70 34.21 13.57 -31.55
N LEU A 71 34.52 12.34 -31.90
CA LEU A 71 33.87 11.69 -33.02
C LEU A 71 32.42 11.33 -32.70
N VAL A 72 32.19 10.73 -31.53
CA VAL A 72 30.85 10.30 -31.16
C VAL A 72 29.95 11.51 -30.89
N GLU A 73 30.51 12.61 -30.39
CA GLU A 73 29.71 13.79 -30.13
C GLU A 73 29.31 14.46 -31.44
N ALA A 74 30.25 14.43 -32.39
CA ALA A 74 30.03 14.98 -33.72
C ALA A 74 28.91 14.21 -34.40
N ASP A 75 29.07 12.89 -34.44
CA ASP A 75 28.08 11.98 -34.99
C ASP A 75 26.71 12.25 -34.36
N GLN A 76 26.70 12.49 -33.05
CA GLN A 76 25.45 12.83 -32.35
C GLN A 76 24.81 14.10 -32.92
N CYS A 77 25.62 15.13 -33.11
CA CYS A 77 25.15 16.37 -33.71
C CYS A 77 24.51 16.09 -35.07
N TYR A 78 25.20 15.30 -35.88
CA TYR A 78 24.70 14.96 -37.21
C TYR A 78 23.35 14.22 -37.15
N VAL A 79 23.23 13.29 -36.21
CA VAL A 79 22.00 12.52 -36.04
C VAL A 79 20.84 13.42 -35.64
N LYS A 80 21.10 14.35 -34.71
CA LYS A 80 20.06 15.30 -34.29
C LYS A 80 19.63 16.16 -35.47
N ALA A 81 20.59 16.63 -36.25
CA ALA A 81 20.30 17.43 -37.44
C ALA A 81 19.41 16.64 -38.39
N LEU A 82 19.75 15.37 -38.59
CA LEU A 82 19.01 14.51 -39.50
C LEU A 82 17.61 14.19 -38.98
N ALA A 83 17.47 14.19 -37.66
CA ALA A 83 16.18 13.89 -37.02
C ALA A 83 15.25 15.07 -37.15
N TYR A 84 15.81 16.27 -37.00
CA TYR A 84 15.04 17.50 -37.17
C TYR A 84 14.84 17.82 -38.65
N ASP A 85 15.77 17.36 -39.49
CA ASP A 85 15.73 17.65 -40.92
C ASP A 85 16.02 16.43 -41.80
N PRO A 86 15.03 15.55 -41.95
CA PRO A 86 15.19 14.36 -42.80
C PRO A 86 15.53 14.76 -44.23
N GLY A 87 16.63 14.24 -44.77
CA GLY A 87 17.01 14.55 -46.14
C GLY A 87 18.11 15.60 -46.30
N ASN A 88 18.55 16.19 -45.19
CA ASN A 88 19.66 17.14 -45.24
C ASN A 88 20.89 16.36 -45.68
N SER A 89 21.28 16.55 -46.93
CA SER A 89 22.30 15.69 -47.52
C SER A 89 23.73 15.96 -47.02
N GLU A 90 23.98 17.15 -46.48
CA GLU A 90 25.29 17.42 -45.88
C GLU A 90 25.41 16.61 -44.59
N ALA A 91 24.34 16.64 -43.81
CA ALA A 91 24.23 15.82 -42.61
C ALA A 91 24.40 14.35 -42.98
N LEU A 92 23.69 13.92 -44.02
CA LEU A 92 23.79 12.56 -44.52
C LEU A 92 25.21 12.14 -44.88
N VAL A 93 25.94 12.97 -45.63
CA VAL A 93 27.29 12.61 -46.07
C VAL A 93 28.28 12.63 -44.93
N LEU A 94 28.10 13.53 -43.97
CA LEU A 94 28.97 13.56 -42.79
C LEU A 94 28.72 12.33 -41.88
N ARG A 95 27.45 12.06 -41.59
CA ARG A 95 27.11 10.91 -40.77
C ARG A 95 27.53 9.60 -41.40
N ALA A 96 27.41 9.52 -42.73
CA ALA A 96 27.74 8.29 -43.45
C ALA A 96 29.17 7.89 -43.16
N ARG A 97 29.98 8.89 -42.90
CA ARG A 97 31.38 8.70 -42.62
C ARG A 97 31.65 8.48 -41.16
N THR A 98 30.93 9.16 -40.29
CA THR A 98 31.19 9.02 -38.86
C THR A 98 30.65 7.73 -38.24
N THR A 99 29.51 7.25 -38.76
CA THR A 99 28.78 6.15 -38.14
C THR A 99 29.61 4.87 -37.94
N PRO A 100 30.32 4.38 -38.98
CA PRO A 100 31.05 3.11 -38.75
C PRO A 100 32.13 3.17 -37.68
N LEU A 101 32.79 4.32 -37.58
CA LEU A 101 33.77 4.54 -36.53
C LEU A 101 33.11 4.42 -35.15
N VAL A 102 32.02 5.16 -35.00
CA VAL A 102 31.26 5.19 -33.75
C VAL A 102 30.79 3.78 -33.37
N SER A 103 30.41 3.01 -34.37
CA SER A 103 30.04 1.62 -34.16
C SER A 103 31.18 0.75 -33.64
N ALA A 104 32.39 0.88 -34.17
CA ALA A 104 33.49 0.08 -33.61
C ALA A 104 33.74 0.44 -32.14
N ILE A 105 33.86 1.76 -31.93
CA ILE A 105 34.10 2.33 -30.61
C ILE A 105 33.10 1.79 -29.58
N ASP A 106 31.81 1.90 -29.88
CA ASP A 106 30.79 1.43 -28.98
C ASP A 106 30.85 -0.09 -28.76
N ARG A 107 31.11 -0.81 -29.84
CA ARG A 107 31.11 -2.28 -29.78
C ARG A 107 32.19 -2.80 -28.81
N LYS A 108 33.36 -2.17 -28.71
CA LYS A 108 34.15 -2.73 -27.58
C LYS A 108 34.24 -1.75 -26.39
N MET A 109 33.40 -0.71 -26.40
CA MET A 109 33.09 -0.13 -25.12
C MET A 109 32.45 -1.32 -24.38
N LEU A 110 31.45 -1.89 -25.05
CA LEU A 110 30.74 -3.08 -24.56
C LEU A 110 31.68 -4.26 -24.31
N ARG A 111 32.63 -4.47 -25.21
CA ARG A 111 33.51 -5.62 -25.04
C ARG A 111 34.28 -5.45 -23.74
N SER A 112 34.74 -4.22 -23.50
CA SER A 112 35.50 -3.85 -22.32
C SER A 112 34.76 -4.02 -21.00
N VAL A 113 33.54 -3.48 -20.92
CA VAL A 113 32.78 -3.66 -19.69
C VAL A 113 32.51 -5.16 -19.46
N HIS A 114 32.23 -5.91 -20.53
CA HIS A 114 32.04 -7.36 -20.40
C HIS A 114 33.22 -8.14 -19.83
N ASP A 115 34.44 -7.83 -20.29
CA ASP A 115 35.59 -8.59 -19.80
C ASP A 115 35.93 -8.13 -18.39
N LEU A 116 35.57 -6.89 -18.09
CA LEU A 116 35.72 -6.39 -16.74
C LEU A 116 34.71 -7.09 -15.82
N ARG A 117 33.58 -7.50 -16.38
CA ARG A 117 32.61 -8.33 -15.66
C ARG A 117 33.10 -9.75 -15.41
N ASP A 118 33.66 -10.37 -16.44
CA ASP A 118 34.19 -11.73 -16.31
C ASP A 118 35.31 -11.73 -15.27
N GLU A 119 36.01 -10.61 -15.18
CA GLU A 119 37.09 -10.49 -14.22
C GLU A 119 36.59 -10.04 -12.83
N PHE A 120 35.31 -9.72 -12.74
CA PHE A 120 34.68 -9.53 -11.43
C PHE A 120 34.48 -10.85 -10.72
N ASN A 121 34.10 -11.87 -11.48
CA ASN A 121 33.74 -13.17 -10.94
C ASN A 121 34.94 -13.96 -10.45
N HIS A 122 35.83 -13.32 -9.69
CA HIS A 122 37.00 -14.05 -9.23
C HIS A 122 37.01 -14.57 -7.81
N LEU A 123 36.04 -14.24 -6.95
CA LEU A 123 35.89 -14.97 -5.66
C LEU A 123 34.78 -14.54 -4.72
N GLN A 124 34.33 -15.58 -4.04
CA GLN A 124 33.11 -15.73 -3.28
C GLN A 124 33.11 -15.24 -1.81
N HIS A 125 34.07 -14.42 -1.41
CA HIS A 125 34.34 -14.19 0.03
C HIS A 125 33.13 -13.61 0.77
N SER A 126 32.82 -14.19 1.93
CA SER A 126 31.68 -13.81 2.76
C SER A 126 31.40 -12.29 2.87
N THR A 127 32.46 -11.48 2.84
CA THR A 127 32.28 -10.04 2.96
C THR A 127 32.23 -9.34 1.60
N ALA A 128 32.45 -10.09 0.53
CA ALA A 128 32.06 -9.60 -0.77
C ALA A 128 30.55 -9.69 -0.77
N LEU A 129 30.02 -10.65 -0.03
CA LEU A 129 28.56 -10.80 0.13
C LEU A 129 28.09 -9.66 1.01
N ARG A 130 28.83 -9.36 2.06
CA ARG A 130 28.38 -8.34 3.00
C ARG A 130 28.39 -6.94 2.36
N ARG A 131 29.55 -6.53 1.85
CA ARG A 131 29.66 -5.33 1.05
C ARG A 131 28.64 -5.25 -0.06
N MET A 132 28.72 -6.20 -0.99
CA MET A 132 27.88 -6.12 -2.18
C MET A 132 26.42 -6.12 -1.83
N MET A 133 25.93 -7.24 -1.34
CA MET A 133 24.50 -7.35 -1.15
C MET A 133 23.98 -6.22 -0.29
N ARG A 134 24.61 -6.01 0.86
CA ARG A 134 23.95 -5.10 1.77
C ARG A 134 24.08 -3.64 1.33
N GLU A 135 25.32 -3.19 1.19
CA GLU A 135 25.50 -1.79 0.94
C GLU A 135 24.92 -1.42 -0.41
N THR A 136 25.09 -2.28 -1.41
CA THR A 136 24.57 -1.90 -2.71
C THR A 136 23.04 -2.01 -2.73
N TYR A 137 22.42 -2.81 -1.86
CA TYR A 137 20.96 -2.78 -1.75
C TYR A 137 20.46 -1.39 -1.35
N PHE A 138 20.98 -0.89 -0.23
CA PHE A 138 20.54 0.44 0.19
C PHE A 138 20.94 1.52 -0.83
N LEU A 139 22.12 1.37 -1.42
CA LEU A 139 22.56 2.30 -2.46
C LEU A 139 21.55 2.33 -3.61
N TYR A 140 21.10 1.13 -4.00
CA TYR A 140 20.16 0.99 -5.10
C TYR A 140 18.88 1.75 -4.80
N VAL A 141 18.27 1.47 -3.65
CA VAL A 141 16.98 2.07 -3.33
C VAL A 141 17.09 3.59 -3.25
N TYR A 142 18.12 4.03 -2.53
CA TYR A 142 18.41 5.44 -2.37
C TYR A 142 18.45 6.11 -3.73
N HIS A 143 19.32 5.63 -4.61
CA HIS A 143 19.54 6.30 -5.88
C HIS A 143 18.31 6.28 -6.77
N THR A 144 17.63 5.15 -6.79
CA THR A 144 16.48 5.01 -7.68
C THR A 144 15.36 5.96 -7.31
N VAL A 145 15.15 6.20 -6.01
CA VAL A 145 14.11 7.16 -5.69
C VAL A 145 14.64 8.61 -5.75
N ALA A 146 15.90 8.80 -5.37
CA ALA A 146 16.52 10.13 -5.37
C ALA A 146 16.57 10.77 -6.76
N ILE A 147 16.90 9.94 -7.76
CA ILE A 147 16.98 10.44 -9.14
C ILE A 147 15.63 10.97 -9.63
N GLU A 148 14.52 10.45 -9.09
CA GLU A 148 13.18 10.93 -9.42
C GLU A 148 12.80 12.17 -8.63
N GLY A 149 13.63 12.59 -7.67
CA GLY A 149 13.38 13.81 -6.92
C GLY A 149 13.18 13.68 -5.41
N ASN A 150 13.22 12.45 -4.91
CA ASN A 150 13.10 12.19 -3.48
C ASN A 150 14.21 12.87 -2.67
N THR A 151 13.85 13.56 -1.58
CA THR A 151 14.84 14.35 -0.84
C THR A 151 15.46 13.59 0.32
N LEU A 152 15.11 12.32 0.45
CA LEU A 152 15.74 11.46 1.45
C LEU A 152 17.22 11.22 1.18
N SER A 153 18.00 11.10 2.25
CA SER A 153 19.41 10.79 2.17
C SER A 153 19.58 9.29 2.21
N LEU A 154 20.80 8.82 1.94
CA LEU A 154 21.08 7.39 2.02
C LEU A 154 20.86 6.85 3.44
N GLY A 155 21.30 7.60 4.45
CA GLY A 155 21.18 7.19 5.83
C GLY A 155 19.74 7.15 6.29
N GLN A 156 18.97 8.12 5.79
CA GLN A 156 17.55 8.16 6.06
C GLN A 156 16.79 7.05 5.33
N THR A 157 17.22 6.72 4.11
CA THR A 157 16.59 5.63 3.36
C THR A 157 16.79 4.32 4.12
N ARG A 158 18.04 4.13 4.54
CA ARG A 158 18.43 2.96 5.29
C ARG A 158 17.62 2.90 6.59
N ALA A 159 17.54 4.04 7.29
CA ALA A 159 16.78 4.12 8.54
C ALA A 159 15.35 3.68 8.32
N ILE A 160 14.75 4.14 7.22
CA ILE A 160 13.39 3.77 6.91
C ILE A 160 13.26 2.25 6.74
N LEU A 161 14.19 1.64 5.99
CA LEU A 161 14.04 0.22 5.70
C LEU A 161 14.30 -0.65 6.94
N GLU A 162 15.18 -0.21 7.84
CA GLU A 162 15.59 -1.04 8.97
C GLU A 162 14.79 -0.77 10.24
N SER A 163 14.33 0.45 10.44
CA SER A 163 13.58 0.77 11.66
C SER A 163 12.13 1.15 11.43
N GLY A 164 11.80 1.51 10.20
CA GLY A 164 10.44 1.83 9.82
C GLY A 164 9.82 2.97 10.60
N MET A 165 10.64 3.78 11.27
CA MET A 165 10.09 4.99 11.89
C MET A 165 10.08 6.15 10.89
N VAL A 166 9.49 7.27 11.27
CA VAL A 166 9.33 8.37 10.34
C VAL A 166 10.49 9.36 10.49
N ILE A 167 11.00 9.85 9.37
CA ILE A 167 12.13 10.77 9.33
C ILE A 167 11.62 12.21 9.39
N PRO A 168 12.19 13.05 10.28
CA PRO A 168 11.67 14.42 10.37
C PRO A 168 11.87 15.20 9.09
N GLY A 169 10.91 16.08 8.79
CA GLY A 169 10.98 16.91 7.61
C GLY A 169 10.61 16.26 6.29
N LYS A 170 10.29 14.97 6.26
CA LYS A 170 9.92 14.35 4.99
C LYS A 170 8.44 13.95 4.88
N SER A 171 7.89 14.11 3.67
CA SER A 171 6.51 13.76 3.34
C SER A 171 6.30 12.26 3.47
N ILE A 172 5.09 11.83 3.87
CA ILE A 172 4.75 10.41 3.90
C ILE A 172 4.95 9.76 2.52
N ARG A 173 4.75 10.54 1.46
CA ARG A 173 4.90 10.05 0.09
C ARG A 173 6.34 9.57 -0.19
N GLU A 174 7.34 10.28 0.32
CA GLU A 174 8.75 9.90 0.13
C GLU A 174 9.11 8.59 0.84
N HIS A 175 8.70 8.49 2.10
CA HIS A 175 8.82 7.25 2.85
C HIS A 175 8.23 6.12 2.05
N ASN A 176 7.00 6.34 1.58
CA ASN A 176 6.27 5.32 0.84
C ASN A 176 6.93 4.90 -0.45
N GLU A 177 7.60 5.83 -1.13
CA GLU A 177 8.31 5.46 -2.34
C GLU A 177 9.44 4.51 -2.00
N VAL A 178 10.16 4.83 -0.93
CA VAL A 178 11.21 3.93 -0.44
C VAL A 178 10.67 2.52 -0.09
N ILE A 179 9.61 2.48 0.73
CA ILE A 179 8.96 1.21 1.14
C ILE A 179 8.54 0.36 -0.08
N GLY A 180 7.85 1.03 -1.01
CA GLY A 180 7.43 0.41 -2.24
C GLY A 180 8.59 -0.21 -2.98
N MET A 181 9.68 0.56 -3.13
CA MET A 181 10.85 0.04 -3.84
C MET A 181 11.43 -1.20 -3.16
N ASP A 182 11.54 -1.17 -1.84
CA ASP A 182 11.99 -2.35 -1.12
C ASP A 182 11.13 -3.57 -1.43
N ALA A 183 9.80 -3.37 -1.45
CA ALA A 183 8.87 -4.44 -1.81
C ALA A 183 9.16 -5.01 -3.19
N ALA A 184 9.22 -4.12 -4.18
CA ALA A 184 9.49 -4.48 -5.57
C ALA A 184 10.80 -5.26 -5.71
N LEU A 185 11.84 -4.78 -5.05
CA LEU A 185 13.14 -5.42 -5.09
C LEU A 185 13.05 -6.84 -4.52
N ARG A 186 12.36 -6.97 -3.39
CA ARG A 186 12.21 -8.27 -2.76
C ARG A 186 11.50 -9.26 -3.67
N PHE A 187 10.42 -8.80 -4.31
CA PHE A 187 9.68 -9.63 -5.25
C PHE A 187 10.56 -10.09 -6.41
N LEU A 188 11.30 -9.13 -6.96
CA LEU A 188 12.23 -9.38 -8.04
C LEU A 188 13.24 -10.48 -7.65
N ASN A 189 13.76 -10.39 -6.43
CA ASN A 189 14.79 -11.32 -5.96
C ASN A 189 14.28 -12.69 -5.59
N CYS A 190 13.08 -12.76 -5.06
CA CYS A 190 12.56 -14.02 -4.56
C CYS A 190 11.60 -14.65 -5.56
N SER A 191 11.49 -14.05 -6.75
CA SER A 191 10.68 -14.65 -7.79
C SER A 191 11.33 -14.62 -9.18
N LEU A 192 11.76 -13.45 -9.63
CA LEU A 192 12.16 -13.30 -11.03
C LEU A 192 13.64 -13.55 -11.25
N LEU A 193 14.38 -13.67 -10.17
CA LEU A 193 15.83 -13.82 -10.26
C LEU A 193 16.28 -15.23 -9.91
N SER A 194 15.32 -16.13 -9.71
CA SER A 194 15.65 -17.55 -9.61
C SER A 194 15.92 -18.09 -11.01
N LYS A 195 16.50 -19.28 -11.11
CA LYS A 195 16.71 -19.89 -12.42
C LYS A 195 15.50 -20.73 -12.81
N GLU A 196 14.72 -21.15 -11.81
CA GLU A 196 13.50 -21.90 -12.08
C GLU A 196 12.47 -20.98 -12.77
N HIS A 197 12.67 -19.68 -12.62
CA HIS A 197 11.84 -18.67 -13.27
C HIS A 197 12.47 -18.28 -14.61
N ASP A 198 12.46 -19.21 -15.57
CA ASP A 198 13.14 -18.96 -16.85
C ASP A 198 12.32 -18.12 -17.83
N GLU A 199 11.07 -17.81 -17.49
CA GLU A 199 10.23 -17.04 -18.39
C GLU A 199 9.53 -15.87 -17.69
N ILE A 200 9.67 -14.68 -18.25
CA ILE A 200 9.18 -13.45 -17.63
C ILE A 200 7.79 -13.08 -18.15
N SER A 201 6.79 -13.24 -17.30
CA SER A 201 5.41 -12.96 -17.64
C SER A 201 5.02 -11.48 -17.60
N ILE A 202 3.88 -11.15 -18.20
CA ILE A 202 3.29 -9.81 -18.14
C ILE A 202 2.69 -9.51 -16.74
N ASP A 203 2.18 -10.56 -16.08
CA ASP A 203 1.63 -10.39 -14.74
C ASP A 203 2.78 -10.03 -13.80
N ASP A 204 3.99 -10.46 -14.15
CA ASP A 204 5.17 -10.11 -13.39
C ASP A 204 5.50 -8.61 -13.46
N ILE A 205 5.39 -8.00 -14.64
CA ILE A 205 5.58 -6.55 -14.74
C ILE A 205 4.49 -5.83 -13.96
N LEU A 206 3.26 -6.30 -14.09
CA LEU A 206 2.16 -5.70 -13.32
C LEU A 206 2.41 -5.76 -11.81
N GLU A 207 2.94 -6.88 -11.34
CA GLU A 207 3.21 -7.07 -9.92
C GLU A 207 4.36 -6.20 -9.46
N MET A 208 5.38 -6.07 -10.31
CA MET A 208 6.46 -5.16 -9.99
C MET A 208 5.94 -3.76 -9.83
N HIS A 209 5.07 -3.32 -10.73
CA HIS A 209 4.55 -1.98 -10.57
C HIS A 209 3.70 -1.88 -9.32
N ARG A 210 3.01 -2.96 -8.98
CA ARG A 210 2.08 -2.95 -7.86
C ARG A 210 2.85 -2.77 -6.57
N ARG A 211 4.01 -3.41 -6.47
CA ARG A 211 4.82 -3.24 -5.28
C ARG A 211 5.57 -1.91 -5.30
N VAL A 212 6.04 -1.51 -6.48
CA VAL A 212 6.74 -0.25 -6.61
C VAL A 212 5.87 0.87 -6.07
N LEU A 213 4.63 0.94 -6.55
CA LEU A 213 3.81 2.12 -6.27
C LEU A 213 2.76 1.88 -5.20
N GLY A 214 2.62 0.64 -4.74
CA GLY A 214 1.55 0.26 -3.83
C GLY A 214 1.31 1.18 -2.65
N ASN A 215 2.32 1.38 -1.83
CA ASN A 215 2.18 2.19 -0.65
C ASN A 215 1.90 3.66 -0.98
N ALA A 216 2.59 4.18 -2.00
CA ALA A 216 2.49 5.60 -2.35
C ALA A 216 1.15 5.94 -3.03
N ASP A 217 0.64 5.04 -3.85
CA ASP A 217 -0.60 5.32 -4.60
C ASP A 217 -1.40 4.04 -4.90
N PRO A 218 -2.11 3.51 -3.89
CA PRO A 218 -2.70 2.18 -3.99
C PRO A 218 -3.74 2.03 -5.10
N VAL A 219 -4.47 3.08 -5.41
CA VAL A 219 -5.49 3.00 -6.47
C VAL A 219 -4.85 2.77 -7.86
N GLU A 220 -3.66 3.34 -8.07
CA GLU A 220 -3.03 3.25 -9.39
C GLU A 220 -1.99 2.14 -9.51
N ALA A 221 -1.54 1.59 -8.39
CA ALA A 221 -0.48 0.59 -8.43
C ALA A 221 -0.93 -0.71 -9.11
N GLY A 222 -0.08 -1.23 -9.99
CA GLY A 222 -0.33 -2.43 -10.76
C GLY A 222 -1.46 -2.32 -11.78
N ARG A 223 -1.77 -1.09 -12.18
CA ARG A 223 -2.88 -0.88 -13.09
C ARG A 223 -2.51 -0.04 -14.31
N ILE A 224 -3.01 -0.47 -15.46
CA ILE A 224 -2.78 0.17 -16.74
C ILE A 224 -3.51 1.51 -16.83
N ARG A 225 -2.84 2.54 -17.35
CA ARG A 225 -3.47 3.85 -17.49
C ARG A 225 -4.59 3.87 -18.51
N THR A 226 -5.64 4.61 -18.19
CA THR A 226 -6.79 4.74 -19.08
C THR A 226 -6.99 6.20 -19.54
N THR A 227 -5.90 6.84 -19.96
CA THR A 227 -5.96 8.10 -20.71
C THR A 227 -4.67 8.30 -21.52
N GLN A 228 -4.64 9.33 -22.37
CA GLN A 228 -3.44 9.69 -23.10
C GLN A 228 -2.66 10.75 -22.34
N VAL A 229 -1.34 10.75 -22.46
CA VAL A 229 -0.51 11.70 -21.73
C VAL A 229 0.21 12.67 -22.67
N TYR A 230 0.38 13.90 -22.21
CA TYR A 230 0.96 14.98 -23.03
C TYR A 230 2.48 14.93 -23.05
N THR A 235 6.17 15.22 -29.20
CA THR A 235 6.87 14.28 -28.32
C THR A 235 5.92 13.38 -27.50
N PRO A 236 5.02 12.64 -28.18
CA PRO A 236 4.04 11.83 -27.45
C PRO A 236 4.45 10.38 -27.15
N VAL A 237 3.59 9.71 -26.41
CA VAL A 237 3.73 8.32 -26.00
C VAL A 237 2.58 7.50 -26.60
N SER A 238 2.83 6.23 -26.90
CA SER A 238 1.84 5.31 -27.49
C SER A 238 0.40 5.44 -26.92
N PRO A 239 -0.60 5.48 -27.82
CA PRO A 239 -2.03 5.45 -27.45
C PRO A 239 -2.39 4.21 -26.62
N GLU A 240 -3.59 4.20 -26.06
CA GLU A 240 -4.02 3.08 -25.24
C GLU A 240 -4.29 1.78 -25.97
N TYR A 241 -3.48 1.44 -26.95
CA TYR A 241 -3.62 0.15 -27.60
C TYR A 241 -2.96 -0.90 -26.68
N VAL A 242 -2.76 -0.51 -25.41
CA VAL A 242 -1.49 -0.72 -24.71
C VAL A 242 -1.10 -2.15 -24.32
N MET A 243 -2.08 -2.99 -23.95
CA MET A 243 -1.77 -4.35 -23.52
C MET A 243 -0.92 -5.07 -24.54
N GLU A 244 -1.19 -4.84 -25.82
CA GLU A 244 -0.46 -5.56 -26.85
C GLU A 244 1.03 -5.30 -26.79
N GLN A 245 1.44 -4.04 -26.63
CA GLN A 245 2.89 -3.77 -26.56
C GLN A 245 3.49 -4.41 -25.31
N LEU A 246 2.74 -4.43 -24.21
CA LEU A 246 3.27 -5.09 -23.04
C LEU A 246 3.56 -6.54 -23.40
N LYS A 247 2.61 -7.16 -24.10
CA LYS A 247 2.78 -8.54 -24.49
C LYS A 247 4.02 -8.62 -25.37
N ASP A 248 4.15 -7.65 -26.27
CA ASP A 248 5.29 -7.60 -27.17
C ASP A 248 6.60 -7.63 -26.37
N ILE A 249 6.68 -6.77 -25.36
CA ILE A 249 7.90 -6.69 -24.55
C ILE A 249 8.20 -8.07 -23.98
N VAL A 250 7.17 -8.65 -23.36
CA VAL A 250 7.33 -9.91 -22.68
C VAL A 250 7.84 -10.93 -23.66
N ASP A 251 7.20 -10.95 -24.83
CA ASP A 251 7.55 -11.96 -25.83
C ASP A 251 8.99 -11.78 -26.28
N TRP A 252 9.35 -10.52 -26.53
CA TRP A 252 10.70 -10.24 -26.96
C TRP A 252 11.72 -10.70 -25.93
N LEU A 253 11.38 -10.56 -24.65
CA LEU A 253 12.31 -10.96 -23.61
C LEU A 253 12.51 -12.46 -23.57
N ASN A 254 11.46 -13.20 -23.94
CA ASN A 254 11.50 -14.64 -23.77
C ASN A 254 11.91 -15.37 -25.04
N ASP A 255 11.97 -14.62 -26.14
CA ASP A 255 12.46 -15.12 -27.41
C ASP A 255 13.93 -15.52 -27.30
N GLU A 256 14.32 -16.61 -27.96
CA GLU A 256 15.66 -17.18 -27.79
C GLU A 256 16.72 -16.32 -28.48
N SER A 257 16.33 -15.69 -29.59
CA SER A 257 17.21 -14.82 -30.37
C SER A 257 17.79 -13.69 -29.51
N THR A 258 17.01 -13.26 -28.53
CA THR A 258 17.37 -12.10 -27.72
C THR A 258 18.48 -12.46 -26.74
N LEU A 259 18.90 -13.73 -26.72
CA LEU A 259 20.03 -14.11 -25.88
C LEU A 259 21.34 -13.84 -26.61
N THR A 260 21.24 -13.62 -27.91
CA THR A 260 22.41 -13.40 -28.75
C THR A 260 22.81 -11.92 -28.79
N ILE A 261 21.95 -11.09 -28.19
CA ILE A 261 22.21 -9.66 -28.10
C ILE A 261 23.04 -9.41 -26.87
N ASP A 262 23.88 -8.37 -26.93
CA ASP A 262 24.69 -7.97 -25.79
C ASP A 262 23.76 -7.69 -24.61
N PRO A 263 24.03 -8.31 -23.45
CA PRO A 263 23.23 -8.16 -22.24
C PRO A 263 22.91 -6.69 -21.89
N ILE A 264 23.92 -5.83 -21.96
CA ILE A 264 23.76 -4.42 -21.62
C ILE A 264 22.80 -3.72 -22.58
N GLU A 265 22.96 -3.97 -23.88
CA GLU A 265 22.06 -3.39 -24.86
C GLU A 265 20.66 -3.94 -24.65
N ARG A 266 20.57 -5.23 -24.37
CA ARG A 266 19.30 -5.89 -24.07
C ARG A 266 18.56 -5.15 -22.96
N ALA A 267 19.27 -4.90 -21.87
CA ALA A 267 18.73 -4.20 -20.70
C ALA A 267 18.26 -2.81 -21.03
N ALA A 268 19.13 -2.07 -21.71
CA ALA A 268 18.80 -0.72 -22.14
C ALA A 268 17.54 -0.70 -23.00
N ILE A 269 17.45 -1.67 -23.91
CA ILE A 269 16.33 -1.73 -24.83
C ILE A 269 15.04 -2.04 -24.06
N ALA A 270 15.12 -2.90 -23.04
CA ALA A 270 13.96 -3.14 -22.18
C ALA A 270 13.49 -1.85 -21.50
N HIS A 271 14.40 -1.20 -20.80
CA HIS A 271 14.11 0.11 -20.18
C HIS A 271 13.41 1.05 -21.15
N TYR A 272 13.98 1.14 -22.35
CA TYR A 272 13.52 2.04 -23.41
C TYR A 272 12.13 1.68 -23.91
N LYS A 273 11.91 0.41 -24.17
CA LYS A 273 10.63 -0.05 -24.66
C LYS A 273 9.56 0.28 -23.62
N LEU A 274 9.82 -0.07 -22.36
CA LEU A 274 8.85 0.15 -21.29
C LEU A 274 8.56 1.63 -21.06
N VAL A 275 9.60 2.46 -21.01
CA VAL A 275 9.42 3.88 -20.80
C VAL A 275 8.66 4.51 -21.98
N LEU A 276 8.86 3.96 -23.18
CA LEU A 276 8.19 4.49 -24.37
C LEU A 276 6.74 4.07 -24.48
N VAL A 277 6.44 2.85 -24.06
CA VAL A 277 5.06 2.41 -23.94
C VAL A 277 4.35 3.23 -22.86
N HIS A 278 5.08 3.50 -21.77
CA HIS A 278 4.58 4.26 -20.63
C HIS A 278 3.20 3.75 -20.18
N PRO A 279 3.15 2.50 -19.70
CA PRO A 279 1.87 1.84 -19.42
C PRO A 279 1.16 2.23 -18.13
N PHE A 280 1.80 2.96 -17.23
CA PHE A 280 1.16 3.34 -15.98
C PHE A 280 0.97 4.83 -15.88
N THR A 281 0.04 5.27 -15.05
CA THR A 281 -0.14 6.70 -14.84
C THR A 281 1.11 7.31 -14.19
N ASP A 282 1.74 6.57 -13.28
CA ASP A 282 3.00 7.00 -12.68
C ASP A 282 3.84 5.77 -12.37
N GLY A 283 5.09 5.96 -12.00
CA GLY A 283 5.97 4.86 -11.65
C GLY A 283 6.64 4.15 -12.80
N ASN A 284 6.54 4.73 -13.99
CA ASN A 284 7.15 4.16 -15.19
C ASN A 284 8.67 4.06 -15.13
N GLY A 285 9.33 5.15 -14.76
CA GLY A 285 10.79 5.17 -14.64
C GLY A 285 11.38 4.19 -13.65
N ARG A 286 10.81 4.16 -12.44
CA ARG A 286 11.27 3.23 -11.41
C ARG A 286 11.15 1.78 -11.87
N THR A 287 10.01 1.43 -12.47
CA THR A 287 9.82 0.07 -12.98
C THR A 287 10.78 -0.23 -14.14
N ALA A 288 11.02 0.74 -15.01
CA ALA A 288 11.95 0.55 -16.13
C ALA A 288 13.38 0.28 -15.64
N ARG A 289 13.86 1.05 -14.68
CA ARG A 289 15.19 0.81 -14.11
C ARG A 289 15.21 -0.56 -13.44
N LEU A 290 14.09 -0.93 -12.84
CA LEU A 290 13.99 -2.24 -12.21
C LEU A 290 14.18 -3.34 -13.23
N LEU A 291 13.50 -3.21 -14.35
CA LEU A 291 13.58 -4.20 -15.40
C LEU A 291 15.00 -4.31 -15.94
N LEU A 292 15.59 -3.14 -16.20
CA LEU A 292 17.00 -3.03 -16.60
C LEU A 292 17.87 -3.86 -15.67
N ASN A 293 17.73 -3.58 -14.39
CA ASN A 293 18.53 -4.22 -13.37
C ASN A 293 18.31 -5.74 -13.33
N LEU A 294 17.06 -6.16 -13.46
CA LEU A 294 16.71 -7.59 -13.53
C LEU A 294 17.49 -8.28 -14.64
N ILE A 295 17.31 -7.76 -15.86
CA ILE A 295 18.03 -8.28 -17.03
C ILE A 295 19.54 -8.48 -16.93
N MET A 296 20.24 -7.46 -16.45
CA MET A 296 21.69 -7.62 -16.34
C MET A 296 22.18 -8.47 -15.15
N MET A 297 21.28 -8.68 -14.18
CA MET A 297 21.65 -9.47 -13.02
C MET A 297 21.51 -10.93 -13.43
N ARG A 298 20.49 -11.23 -14.23
CA ARG A 298 20.29 -12.57 -14.79
C ARG A 298 21.40 -12.89 -15.79
N SER A 299 22.17 -11.87 -16.15
CA SER A 299 23.28 -12.04 -17.08
C SER A 299 24.64 -11.99 -16.40
N GLY A 300 24.66 -12.18 -15.09
CA GLY A 300 25.88 -12.37 -14.35
C GLY A 300 26.55 -11.09 -13.91
N PHE A 301 25.85 -9.97 -14.09
CA PHE A 301 26.36 -8.67 -13.64
C PHE A 301 25.93 -8.38 -12.21
N PRO A 302 26.76 -7.64 -11.47
CA PRO A 302 26.37 -7.07 -10.17
C PRO A 302 25.28 -6.02 -10.34
N PRO A 303 24.73 -5.51 -9.24
CA PRO A 303 23.71 -4.45 -9.33
C PRO A 303 24.18 -3.23 -10.10
N VAL A 304 23.34 -2.75 -11.02
CA VAL A 304 23.67 -1.57 -11.79
C VAL A 304 22.96 -0.37 -11.19
N ILE A 305 23.77 0.56 -10.67
CA ILE A 305 23.25 1.76 -10.06
C ILE A 305 23.45 2.95 -10.98
N LEU A 306 22.35 3.52 -11.48
CA LEU A 306 22.40 4.77 -12.21
C LEU A 306 22.27 5.88 -11.18
N PRO A 307 23.39 6.51 -10.80
CA PRO A 307 23.48 7.41 -9.64
C PRO A 307 22.74 8.74 -9.84
N VAL A 308 22.27 9.31 -8.75
CA VAL A 308 21.44 10.51 -8.80
C VAL A 308 22.21 11.75 -9.25
N GLU A 309 23.51 11.80 -8.96
CA GLU A 309 24.33 12.91 -9.39
C GLU A 309 24.35 13.02 -10.92
N THR A 310 24.11 11.91 -11.60
CA THR A 310 24.17 11.86 -13.06
C THR A 310 22.77 11.93 -13.66
N ARG A 311 21.81 12.34 -12.82
CA ARG A 311 20.42 12.50 -13.21
C ARG A 311 20.25 13.16 -14.58
N ALA A 312 20.84 14.34 -14.71
CA ALA A 312 20.78 15.11 -15.95
C ALA A 312 21.17 14.25 -17.15
N GLU A 313 22.35 13.65 -17.08
CA GLU A 313 22.83 12.81 -18.18
C GLU A 313 21.76 11.78 -18.51
N TYR A 314 21.32 11.08 -17.48
CA TYR A 314 20.30 10.05 -17.60
C TYR A 314 19.15 10.59 -18.43
N TYR A 315 18.49 11.64 -17.93
CA TYR A 315 17.28 12.08 -18.59
C TYR A 315 17.62 12.59 -19.98
N ALA A 316 18.78 13.25 -20.09
CA ALA A 316 19.19 13.79 -21.36
C ALA A 316 19.26 12.68 -22.40
N SER A 317 19.90 11.56 -22.04
CA SER A 317 20.08 10.52 -23.03
C SER A 317 18.72 9.91 -23.41
N LEU A 318 17.80 9.83 -22.44
CA LEU A 318 16.48 9.31 -22.75
C LEU A 318 15.80 10.18 -23.78
N HIS A 319 16.03 11.49 -23.67
CA HIS A 319 15.44 12.44 -24.60
C HIS A 319 15.92 12.09 -26.01
N VAL A 320 17.23 11.85 -26.14
CA VAL A 320 17.80 11.58 -27.46
C VAL A 320 17.24 10.26 -27.98
N ALA A 321 16.88 9.38 -27.04
CA ALA A 321 16.31 8.09 -27.40
C ALA A 321 14.97 8.27 -28.09
N ASN A 322 14.22 9.30 -27.70
CA ASN A 322 12.93 9.54 -28.34
C ASN A 322 13.09 10.24 -29.68
N LEU A 323 14.32 10.59 -30.04
CA LEU A 323 14.58 11.14 -31.36
C LEU A 323 15.03 10.01 -32.28
N GLY A 324 15.15 8.81 -31.74
CA GLY A 324 15.49 7.65 -32.54
C GLY A 324 16.87 7.11 -32.30
N ASP A 325 17.62 7.75 -31.39
CA ASP A 325 19.00 7.34 -31.16
C ASP A 325 19.16 6.82 -29.74
N LEU A 326 19.26 5.51 -29.63
CA LEU A 326 19.36 4.83 -28.34
C LEU A 326 20.81 4.74 -27.84
N ARG A 327 21.74 5.17 -28.67
CA ARG A 327 23.15 4.97 -28.37
C ARG A 327 23.69 5.77 -27.17
N PRO A 328 23.31 7.07 -27.01
CA PRO A 328 23.74 7.79 -25.81
C PRO A 328 23.33 7.09 -24.51
N PHE A 329 22.11 6.57 -24.48
CA PHE A 329 21.59 5.84 -23.33
C PHE A 329 22.36 4.54 -23.08
N VAL A 330 22.63 3.78 -24.15
CA VAL A 330 23.40 2.56 -24.01
C VAL A 330 24.77 2.88 -23.44
N ARG A 331 25.38 3.94 -23.96
CA ARG A 331 26.69 4.36 -23.48
C ARG A 331 26.61 4.72 -22.00
N TYR A 332 25.50 5.32 -21.61
CA TYR A 332 25.27 5.71 -20.22
C TYR A 332 25.24 4.47 -19.30
N VAL A 333 24.38 3.52 -19.64
CA VAL A 333 24.25 2.32 -18.83
C VAL A 333 25.57 1.54 -18.79
N ALA A 334 26.28 1.55 -19.91
CA ALA A 334 27.59 0.90 -19.98
C ALA A 334 28.54 1.56 -18.99
N LYS A 335 28.61 2.88 -19.07
CA LYS A 335 29.46 3.70 -18.20
C LYS A 335 29.27 3.37 -16.75
N HIS A 336 28.01 3.23 -16.35
CA HIS A 336 27.75 3.09 -14.92
C HIS A 336 27.76 1.66 -14.39
N SER A 337 27.47 0.69 -15.24
CA SER A 337 27.73 -0.68 -14.80
C SER A 337 29.25 -0.93 -14.75
N GLU A 338 30.00 -0.34 -15.67
CA GLU A 338 31.45 -0.45 -15.60
C GLU A 338 32.05 0.26 -14.39
N ALA A 339 31.62 1.49 -14.11
CA ALA A 339 32.13 2.23 -12.96
C ALA A 339 31.71 1.55 -11.66
N SER A 340 30.54 0.91 -11.71
CA SER A 340 30.06 0.14 -10.57
C SER A 340 30.97 -1.06 -10.26
N ILE A 341 31.09 -1.97 -11.23
CA ILE A 341 31.96 -3.13 -11.05
C ILE A 341 33.38 -2.72 -10.67
N GLN A 342 33.88 -1.66 -11.32
CA GLN A 342 35.22 -1.14 -11.08
C GLN A 342 35.38 -0.70 -9.65
N ARG A 343 34.38 0.01 -9.15
CA ARG A 343 34.33 0.40 -7.75
C ARG A 343 34.33 -0.82 -6.81
N TYR A 344 33.66 -1.90 -7.14
CA TYR A 344 33.68 -3.03 -6.21
C TYR A 344 35.06 -3.65 -6.15
N ILE A 345 35.62 -3.88 -7.32
CA ILE A 345 36.92 -4.47 -7.37
C ILE A 345 37.78 -3.67 -6.40
N GLY A 346 37.89 -2.38 -6.67
CA GLY A 346 38.68 -1.51 -5.83
C GLY A 346 38.43 -1.73 -4.36
N ALA A 347 37.19 -1.96 -4.00
CA ALA A 347 36.87 -2.19 -2.61
C ALA A 347 37.64 -3.38 -2.11
N MET A 348 37.60 -4.46 -2.87
CA MET A 348 38.29 -5.66 -2.47
C MET A 348 39.78 -5.42 -2.40
N LYS A 349 40.29 -4.74 -3.40
CA LYS A 349 41.71 -4.49 -3.47
C LYS A 349 42.21 -3.75 -2.26
N THR A 350 41.42 -2.82 -1.76
CA THR A 350 41.85 -2.06 -0.61
C THR A 350 41.68 -2.91 0.62
N SER A 351 40.56 -3.59 0.72
CA SER A 351 40.34 -4.46 1.85
C SER A 351 41.42 -5.52 1.84
N SER A 352 42.22 -5.54 0.79
CA SER A 352 43.30 -6.49 0.63
C SER A 352 42.84 -7.89 1.02
N GLU B 12 -9.38 -28.01 35.72
CA GLU B 12 -8.66 -29.00 36.52
C GLU B 12 -8.91 -28.90 38.04
N ASN B 13 -8.48 -27.82 38.71
CA ASN B 13 -8.90 -27.56 40.11
C ASN B 13 -8.99 -26.06 40.43
N ASP B 14 -10.17 -25.55 40.80
CA ASP B 14 -10.27 -24.18 41.35
C ASP B 14 -9.54 -24.06 42.71
N PRO B 15 -9.07 -22.86 43.09
CA PRO B 15 -8.44 -22.85 44.42
C PRO B 15 -9.48 -23.01 45.54
N ALA B 16 -9.09 -23.60 46.66
CA ALA B 16 -10.01 -23.91 47.75
C ALA B 16 -10.87 -22.72 48.19
N LYS B 17 -10.31 -21.52 48.08
CA LYS B 17 -11.00 -20.31 48.53
C LYS B 17 -12.29 -20.06 47.75
N VAL B 18 -12.27 -20.42 46.48
CA VAL B 18 -13.45 -20.42 45.62
C VAL B 18 -14.48 -21.43 46.13
N LYS B 19 -13.98 -22.59 46.53
CA LYS B 19 -14.83 -23.69 47.00
C LYS B 19 -15.57 -23.29 48.27
N GLU B 20 -14.90 -22.53 49.14
CA GLU B 20 -15.51 -22.19 50.42
C GLU B 20 -16.33 -20.93 50.26
N ALA B 21 -16.01 -20.15 49.22
CA ALA B 21 -16.93 -19.12 48.76
C ALA B 21 -18.27 -19.70 48.37
N ILE B 22 -18.24 -20.81 47.62
CA ILE B 22 -19.48 -21.45 47.17
C ILE B 22 -20.25 -22.19 48.26
N LEU B 23 -19.54 -22.82 49.19
CA LEU B 23 -20.22 -23.44 50.32
C LEU B 23 -20.77 -22.40 51.29
N ALA B 24 -20.05 -21.29 51.46
CA ALA B 24 -20.56 -20.17 52.24
C ALA B 24 -21.81 -19.55 51.63
N ALA B 25 -21.77 -19.28 50.33
CA ALA B 25 -22.92 -18.69 49.66
C ALA B 25 -24.11 -19.65 49.47
N LYS B 26 -23.88 -20.96 49.48
CA LYS B 26 -24.98 -21.91 49.30
C LYS B 26 -25.89 -21.97 50.54
N ALA B 27 -25.32 -21.66 51.70
CA ALA B 27 -26.08 -21.55 52.95
C ALA B 27 -26.30 -20.09 53.40
N ALA B 28 -26.92 -19.25 52.57
CA ALA B 28 -27.27 -17.86 52.97
C ALA B 28 -28.21 -17.16 51.99
N GLY B 29 -27.92 -15.87 51.72
CA GLY B 29 -28.65 -15.11 50.72
C GLY B 29 -30.04 -14.67 51.15
N ARG B 30 -30.39 -14.95 52.40
CA ARG B 30 -31.71 -14.62 52.94
C ARG B 30 -31.87 -13.11 53.17
N SER B 31 -33.10 -12.69 53.48
CA SER B 31 -33.42 -11.28 53.69
C SER B 31 -33.44 -10.91 55.17
N ARG B 32 -32.25 -10.59 55.67
CA ARG B 32 -32.04 -10.06 57.00
C ARG B 32 -30.82 -9.12 56.93
N LYS B 33 -30.40 -8.61 58.09
CA LYS B 33 -29.23 -7.72 58.24
C LYS B 33 -27.84 -8.38 58.46
N ASP B 34 -27.75 -9.70 58.53
CA ASP B 34 -26.44 -10.34 58.74
C ASP B 34 -25.90 -10.86 57.40
N GLY B 35 -26.69 -10.68 56.35
CA GLY B 35 -26.14 -10.89 55.04
C GLY B 35 -26.46 -9.70 54.18
N ASN B 36 -27.61 -9.79 53.53
CA ASN B 36 -27.98 -8.90 52.46
C ASN B 36 -27.00 -8.95 51.28
N LEU B 37 -27.43 -8.21 50.29
CA LEU B 37 -26.77 -8.00 49.03
C LEU B 37 -25.27 -8.06 49.07
N GLU B 38 -24.67 -6.90 49.33
CA GLU B 38 -23.26 -6.68 49.04
C GLU B 38 -22.34 -7.45 49.99
N ARG B 39 -22.91 -7.94 51.08
CA ARG B 39 -22.21 -8.95 51.86
C ARG B 39 -22.02 -10.17 50.96
N ALA B 40 -23.13 -10.75 50.48
CA ALA B 40 -23.01 -11.88 49.54
C ALA B 40 -22.19 -11.55 48.27
N MET B 41 -22.49 -10.38 47.71
CA MET B 41 -21.89 -9.88 46.47
C MET B 41 -20.39 -9.70 46.47
N THR B 42 -19.85 -8.92 47.41
CA THR B 42 -18.40 -8.72 47.46
C THR B 42 -17.70 -10.10 47.44
N ILE B 43 -18.25 -11.04 48.18
CA ILE B 43 -17.66 -12.37 48.29
C ILE B 43 -17.71 -13.12 46.96
N MET B 44 -18.89 -13.17 46.37
CA MET B 44 -19.05 -13.85 45.08
C MET B 44 -18.25 -13.17 43.98
N GLU B 45 -17.90 -11.90 44.19
CA GLU B 45 -17.12 -11.16 43.21
C GLU B 45 -15.64 -11.48 43.35
N HIS B 46 -15.16 -11.65 44.58
CA HIS B 46 -13.78 -12.09 44.76
C HIS B 46 -13.66 -13.50 44.17
N ALA B 47 -14.73 -14.28 44.34
CA ALA B 47 -14.79 -15.64 43.79
C ALA B 47 -14.70 -15.54 42.28
N MET B 48 -15.54 -14.69 41.69
CA MET B 48 -15.54 -14.43 40.25
C MET B 48 -14.14 -14.13 39.78
N ALA B 49 -13.47 -13.24 40.51
CA ALA B 49 -12.11 -12.84 40.21
C ALA B 49 -11.16 -14.03 40.23
N LEU B 50 -11.47 -15.06 41.00
CA LEU B 50 -10.57 -16.21 40.99
C LEU B 50 -10.96 -17.37 40.06
N ALA B 51 -12.23 -17.44 39.68
CA ALA B 51 -12.69 -18.52 38.81
C ALA B 51 -13.83 -18.05 37.93
N PRO B 52 -13.51 -17.44 36.79
CA PRO B 52 -14.54 -16.83 35.94
C PRO B 52 -15.43 -17.85 35.25
N THR B 53 -14.94 -19.07 35.09
CA THR B 53 -15.65 -20.02 34.25
C THR B 53 -16.32 -21.09 35.08
N ASN B 54 -16.42 -20.85 36.39
CA ASN B 54 -17.04 -21.79 37.30
C ASN B 54 -18.57 -21.60 37.33
N PRO B 55 -19.32 -22.60 36.83
CA PRO B 55 -20.78 -22.49 36.61
C PRO B 55 -21.54 -22.21 37.92
N GLN B 56 -21.07 -22.77 39.01
CA GLN B 56 -21.71 -22.53 40.30
C GLN B 56 -21.58 -21.05 40.73
N ILE B 57 -20.39 -20.48 40.54
CA ILE B 57 -20.14 -19.07 40.84
C ILE B 57 -20.98 -18.18 39.95
N LEU B 58 -21.00 -18.52 38.66
CA LEU B 58 -21.79 -17.78 37.67
C LEU B 58 -23.28 -17.78 38.02
N ILE B 59 -23.78 -18.96 38.40
CA ILE B 59 -25.17 -19.12 38.77
C ILE B 59 -25.51 -18.28 40.01
N GLU B 60 -24.69 -18.40 41.05
CA GLU B 60 -24.91 -17.64 42.29
C GLU B 60 -24.88 -16.12 42.05
N MET B 61 -23.81 -15.68 41.40
CA MET B 61 -23.63 -14.28 41.02
C MET B 61 -24.87 -13.80 40.28
N GLY B 62 -25.35 -14.66 39.39
CA GLY B 62 -26.57 -14.43 38.65
C GLY B 62 -27.75 -14.14 39.55
N GLN B 63 -27.98 -15.00 40.54
CA GLN B 63 -29.18 -14.81 41.36
C GLN B 63 -29.06 -13.58 42.26
N ILE B 64 -27.83 -13.26 42.63
CA ILE B 64 -27.57 -12.01 43.33
C ILE B 64 -27.94 -10.82 42.45
N ARG B 65 -27.54 -10.88 41.18
CA ARG B 65 -27.88 -9.82 40.24
C ARG B 65 -29.39 -9.68 40.13
N GLU B 66 -30.07 -10.82 40.06
CA GLU B 66 -31.52 -10.81 39.87
C GLU B 66 -32.18 -10.16 41.07
N MET B 67 -31.60 -10.35 42.24
CA MET B 67 -32.16 -9.70 43.41
C MET B 67 -31.97 -8.19 43.49
N HIS B 68 -30.98 -7.66 42.81
CA HIS B 68 -30.68 -6.23 42.76
C HIS B 68 -31.25 -5.62 41.49
N ASN B 69 -32.30 -6.19 40.99
CA ASN B 69 -32.93 -5.79 39.76
C ASN B 69 -32.00 -5.51 38.59
N GLU B 70 -30.98 -6.35 38.49
CA GLU B 70 -30.09 -6.35 37.35
C GLU B 70 -30.43 -7.62 36.54
N LEU B 71 -31.46 -7.48 35.74
CA LEU B 71 -32.03 -8.60 35.04
C LEU B 71 -31.16 -9.03 33.88
N VAL B 72 -30.73 -8.07 33.06
CA VAL B 72 -29.97 -8.39 31.86
C VAL B 72 -28.63 -9.01 32.25
N GLU B 73 -28.06 -8.54 33.36
CA GLU B 73 -26.80 -9.10 33.78
C GLU B 73 -26.98 -10.50 34.38
N ALA B 74 -28.08 -10.69 35.10
CA ALA B 74 -28.40 -11.99 35.68
C ALA B 74 -28.53 -13.04 34.59
N ASP B 75 -29.37 -12.70 33.61
CA ASP B 75 -29.54 -13.52 32.42
C ASP B 75 -28.18 -13.83 31.75
N GLN B 76 -27.32 -12.83 31.67
CA GLN B 76 -25.97 -13.05 31.10
C GLN B 76 -25.14 -14.10 31.87
N CYS B 77 -25.19 -14.02 33.20
CA CYS B 77 -24.58 -15.04 34.04
C CYS B 77 -25.13 -16.44 33.72
N TYR B 78 -26.45 -16.58 33.64
CA TYR B 78 -27.03 -17.90 33.37
C TYR B 78 -26.61 -18.41 31.99
N VAL B 79 -26.59 -17.53 31.00
CA VAL B 79 -26.21 -17.92 29.66
C VAL B 79 -24.76 -18.42 29.62
N LYS B 80 -23.86 -17.72 30.31
CA LYS B 80 -22.48 -18.19 30.40
C LYS B 80 -22.34 -19.53 31.15
N ALA B 81 -23.08 -19.68 32.26
CA ALA B 81 -23.04 -20.92 33.01
C ALA B 81 -23.49 -22.09 32.13
N LEU B 82 -24.57 -21.90 31.41
CA LEU B 82 -25.05 -22.99 30.58
C LEU B 82 -24.09 -23.25 29.42
N ALA B 83 -23.41 -22.22 28.94
CA ALA B 83 -22.53 -22.41 27.78
C ALA B 83 -21.26 -23.16 28.17
N TYR B 84 -20.74 -22.87 29.36
CA TYR B 84 -19.52 -23.50 29.85
C TYR B 84 -19.78 -24.91 30.33
N ASP B 85 -21.03 -25.19 30.70
CA ASP B 85 -21.41 -26.47 31.27
C ASP B 85 -22.68 -27.00 30.60
N PRO B 86 -22.54 -27.56 29.38
CA PRO B 86 -23.66 -28.07 28.58
C PRO B 86 -24.50 -29.11 29.32
N GLY B 87 -25.81 -28.87 29.45
CA GLY B 87 -26.71 -29.76 30.16
C GLY B 87 -27.03 -29.30 31.57
N ASN B 88 -26.38 -28.25 32.03
CA ASN B 88 -26.62 -27.72 33.37
C ASN B 88 -28.05 -27.16 33.52
N SER B 89 -28.93 -27.94 34.14
CA SER B 89 -30.36 -27.61 34.20
C SER B 89 -30.70 -26.54 35.25
N GLU B 90 -29.81 -26.31 36.20
CA GLU B 90 -30.06 -25.25 37.15
C GLU B 90 -30.06 -23.92 36.39
N ALA B 91 -29.00 -23.76 35.58
CA ALA B 91 -28.88 -22.65 34.66
C ALA B 91 -30.06 -22.61 33.70
N LEU B 92 -30.41 -23.74 33.10
CA LEU B 92 -31.55 -23.79 32.18
C LEU B 92 -32.84 -23.21 32.77
N VAL B 93 -33.23 -23.61 33.98
CA VAL B 93 -34.52 -23.13 34.50
C VAL B 93 -34.43 -21.65 34.91
N LEU B 94 -33.26 -21.24 35.43
CA LEU B 94 -33.14 -19.83 35.77
C LEU B 94 -33.30 -18.97 34.50
N ARG B 95 -32.61 -19.38 33.45
CA ARG B 95 -32.68 -18.66 32.19
C ARG B 95 -34.12 -18.68 31.70
N ALA B 96 -34.82 -19.78 31.93
CA ALA B 96 -36.21 -19.92 31.50
C ALA B 96 -37.08 -18.81 32.08
N ARG B 97 -36.75 -18.38 33.31
CA ARG B 97 -37.51 -17.27 33.88
C ARG B 97 -37.07 -15.95 33.29
N THR B 98 -35.76 -15.77 33.13
CA THR B 98 -35.26 -14.45 32.72
C THR B 98 -35.50 -14.04 31.26
N THR B 99 -35.50 -15.00 30.35
CA THR B 99 -35.47 -14.71 28.92
C THR B 99 -36.56 -13.77 28.34
N PRO B 100 -37.87 -14.04 28.59
CA PRO B 100 -38.89 -13.17 27.99
C PRO B 100 -38.83 -11.71 28.50
N LEU B 101 -38.49 -11.54 29.77
CA LEU B 101 -38.27 -10.20 30.31
C LEU B 101 -37.16 -9.44 29.58
N VAL B 102 -35.98 -10.06 29.45
CA VAL B 102 -34.90 -9.38 28.74
C VAL B 102 -35.28 -9.11 27.28
N SER B 103 -36.08 -9.98 26.66
CA SER B 103 -36.57 -9.68 25.31
C SER B 103 -37.38 -8.40 25.27
N ALA B 104 -38.24 -8.21 26.29
CA ALA B 104 -39.04 -6.98 26.37
C ALA B 104 -38.12 -5.74 26.49
N ILE B 105 -37.21 -5.83 27.45
CA ILE B 105 -36.22 -4.79 27.73
C ILE B 105 -35.45 -4.38 26.47
N ASP B 106 -34.90 -5.39 25.78
CA ASP B 106 -34.15 -5.17 24.56
C ASP B 106 -34.98 -4.51 23.47
N ARG B 107 -36.22 -4.97 23.32
CA ARG B 107 -37.05 -4.42 22.26
C ARG B 107 -37.32 -2.94 22.49
N LYS B 108 -37.52 -2.55 23.75
CA LYS B 108 -37.73 -1.13 23.99
C LYS B 108 -36.45 -0.29 23.93
N MET B 109 -35.32 -0.88 24.30
CA MET B 109 -34.04 -0.22 24.00
C MET B 109 -33.92 0.11 22.53
N LEU B 110 -34.06 -0.90 21.68
CA LEU B 110 -34.04 -0.66 20.25
C LEU B 110 -35.03 0.40 19.78
N ARG B 111 -36.24 0.38 20.36
CA ARG B 111 -37.22 1.40 19.99
C ARG B 111 -36.74 2.80 20.36
N SER B 112 -36.12 2.93 21.54
CA SER B 112 -35.63 4.21 22.03
C SER B 112 -34.52 4.75 21.10
N VAL B 113 -33.57 3.89 20.76
CA VAL B 113 -32.51 4.26 19.82
C VAL B 113 -33.11 4.70 18.48
N HIS B 114 -34.10 3.96 18.00
CA HIS B 114 -34.74 4.34 16.75
C HIS B 114 -35.45 5.71 16.82
N ASP B 115 -36.13 6.02 17.92
CA ASP B 115 -36.84 7.30 17.95
C ASP B 115 -35.84 8.45 18.06
N LEU B 116 -34.71 8.16 18.71
CA LEU B 116 -33.67 9.17 18.80
C LEU B 116 -32.99 9.38 17.44
N ARG B 117 -32.94 8.32 16.62
CA ARG B 117 -32.45 8.47 15.25
C ARG B 117 -33.41 9.30 14.44
N ASP B 118 -34.70 9.06 14.61
CA ASP B 118 -35.70 9.84 13.89
C ASP B 118 -35.60 11.32 14.25
N GLU B 119 -35.25 11.62 15.50
CA GLU B 119 -35.13 13.03 15.86
C GLU B 119 -33.74 13.59 15.52
N PHE B 120 -32.80 12.73 15.15
CA PHE B 120 -31.54 13.21 14.58
C PHE B 120 -31.73 13.73 13.15
N ASN B 121 -32.57 13.03 12.38
CA ASN B 121 -32.79 13.35 10.97
C ASN B 121 -33.68 14.57 10.75
N HIS B 122 -34.26 15.09 11.82
CA HIS B 122 -35.12 16.27 11.73
C HIS B 122 -34.37 17.50 12.17
N LEU B 123 -33.12 17.29 12.57
CA LEU B 123 -32.22 18.39 12.91
C LEU B 123 -31.84 19.12 11.63
N GLN B 124 -32.01 20.44 11.60
CA GLN B 124 -31.87 21.18 10.35
C GLN B 124 -30.43 21.58 10.10
N HIS B 125 -29.92 21.17 8.92
CA HIS B 125 -28.49 21.24 8.62
C HIS B 125 -27.99 22.70 8.62
N SER B 126 -26.89 22.93 9.33
CA SER B 126 -26.34 24.26 9.43
C SER B 126 -24.83 24.23 9.19
N THR B 127 -24.15 25.31 9.57
CA THR B 127 -22.70 25.38 9.38
C THR B 127 -22.03 24.99 10.72
N ALA B 128 -22.83 24.86 11.76
CA ALA B 128 -22.40 24.18 12.98
C ALA B 128 -22.37 22.65 12.82
N LEU B 129 -23.25 22.12 11.98
CA LEU B 129 -23.32 20.67 11.77
C LEU B 129 -22.17 20.14 10.91
N ARG B 130 -21.85 20.82 9.82
CA ARG B 130 -20.82 20.33 8.90
C ARG B 130 -19.42 20.31 9.55
N ARG B 131 -19.15 21.30 10.40
CA ARG B 131 -18.00 21.24 11.31
C ARG B 131 -17.84 19.85 11.94
N MET B 132 -18.90 19.46 12.65
CA MET B 132 -18.95 18.20 13.38
C MET B 132 -18.78 17.04 12.40
N MET B 133 -19.55 17.04 11.32
CA MET B 133 -19.49 16.00 10.28
C MET B 133 -18.05 15.74 9.82
N ARG B 134 -17.30 16.83 9.58
CA ARG B 134 -15.95 16.73 9.05
C ARG B 134 -15.03 16.18 10.15
N GLU B 135 -15.19 16.70 11.35
CA GLU B 135 -14.40 16.27 12.51
C GLU B 135 -14.63 14.78 12.79
N THR B 136 -15.82 14.31 12.45
CA THR B 136 -16.23 12.93 12.70
C THR B 136 -15.40 11.96 11.87
N TYR B 137 -14.84 12.41 10.76
CA TYR B 137 -13.91 11.58 9.99
C TYR B 137 -12.71 11.19 10.84
N PHE B 138 -12.08 12.21 11.43
CA PHE B 138 -10.89 12.01 12.22
C PHE B 138 -11.26 11.14 13.42
N LEU B 139 -12.40 11.45 14.03
CA LEU B 139 -12.84 10.72 15.22
C LEU B 139 -13.03 9.23 14.94
N TYR B 140 -13.72 8.94 13.84
CA TYR B 140 -13.95 7.58 13.42
C TYR B 140 -12.62 6.88 13.19
N VAL B 141 -11.77 7.47 12.36
CA VAL B 141 -10.52 6.81 12.00
C VAL B 141 -9.67 6.51 13.23
N TYR B 142 -9.57 7.51 14.10
CA TYR B 142 -8.84 7.35 15.34
C TYR B 142 -9.31 6.13 16.09
N HIS B 143 -10.61 6.10 16.39
CA HIS B 143 -11.09 5.02 17.24
C HIS B 143 -10.95 3.64 16.58
N THR B 144 -11.35 3.54 15.31
CA THR B 144 -11.30 2.24 14.66
C THR B 144 -9.87 1.71 14.51
N VAL B 145 -8.86 2.56 14.33
CA VAL B 145 -7.49 2.02 14.24
C VAL B 145 -6.84 1.81 15.63
N ALA B 146 -7.20 2.66 16.58
CA ALA B 146 -6.70 2.53 17.94
C ALA B 146 -7.16 1.19 18.51
N ILE B 147 -8.42 0.81 18.21
CA ILE B 147 -8.95 -0.47 18.69
C ILE B 147 -8.14 -1.67 18.20
N GLU B 148 -7.59 -1.57 16.99
CA GLU B 148 -6.79 -2.64 16.42
C GLU B 148 -5.37 -2.61 17.00
N GLY B 149 -5.03 -1.55 17.72
CA GLY B 149 -3.77 -1.45 18.41
C GLY B 149 -2.83 -0.32 18.03
N ASN B 150 -3.24 0.47 17.03
CA ASN B 150 -2.48 1.64 16.58
C ASN B 150 -2.26 2.63 17.71
N THR B 151 -1.02 3.10 17.86
CA THR B 151 -0.70 3.99 18.98
C THR B 151 -0.74 5.49 18.64
N LEU B 152 -1.12 5.85 17.42
CA LEU B 152 -1.29 7.27 17.12
C LEU B 152 -2.40 7.88 17.99
N SER B 153 -2.22 9.13 18.35
CA SER B 153 -3.20 9.83 19.16
C SER B 153 -4.30 10.39 18.29
N LEU B 154 -5.37 10.85 18.95
CA LEU B 154 -6.43 11.58 18.25
C LEU B 154 -5.82 12.84 17.63
N GLY B 155 -4.97 13.54 18.38
CA GLY B 155 -4.37 14.77 17.88
C GLY B 155 -3.42 14.50 16.74
N GLN B 156 -2.65 13.42 16.86
CA GLN B 156 -1.73 13.02 15.81
C GLN B 156 -2.52 12.55 14.58
N THR B 157 -3.63 11.87 14.82
CA THR B 157 -4.46 11.40 13.72
C THR B 157 -5.06 12.55 12.96
N ARG B 158 -5.56 13.51 13.73
CA ARG B 158 -6.14 14.70 13.15
C ARG B 158 -5.07 15.44 12.34
N ALA B 159 -3.89 15.62 12.95
CA ALA B 159 -2.80 16.31 12.27
C ALA B 159 -2.43 15.65 10.94
N ILE B 160 -2.35 14.33 10.92
CA ILE B 160 -2.08 13.61 9.69
C ILE B 160 -3.18 13.78 8.65
N LEU B 161 -4.44 13.64 9.03
CA LEU B 161 -5.51 13.68 8.04
C LEU B 161 -5.91 15.09 7.57
N GLU B 162 -5.90 16.06 8.48
CA GLU B 162 -6.46 17.39 8.23
C GLU B 162 -5.40 18.41 7.81
N SER B 163 -4.18 18.22 8.30
CA SER B 163 -3.10 19.15 8.07
C SER B 163 -2.00 18.57 7.18
N GLY B 164 -2.11 17.28 6.84
CA GLY B 164 -1.13 16.65 5.98
C GLY B 164 0.22 16.60 6.65
N MET B 165 0.18 16.63 7.98
CA MET B 165 1.37 16.47 8.80
C MET B 165 1.84 15.02 8.84
N VAL B 166 2.86 14.80 9.64
CA VAL B 166 3.52 13.54 9.81
C VAL B 166 4.16 13.51 11.20
N ILE B 167 4.06 12.40 11.94
CA ILE B 167 4.73 12.39 13.25
C ILE B 167 6.06 11.63 13.18
N PRO B 168 7.19 12.35 13.17
CA PRO B 168 8.47 11.63 13.08
C PRO B 168 8.82 10.81 14.33
N GLY B 169 9.57 9.73 14.13
CA GLY B 169 9.95 8.86 15.23
C GLY B 169 8.83 7.89 15.56
N LYS B 170 7.74 8.03 14.84
CA LYS B 170 6.60 7.15 15.01
C LYS B 170 6.50 6.22 13.79
N SER B 171 5.88 5.06 13.97
CA SER B 171 5.75 4.08 12.90
C SER B 171 5.10 4.57 11.61
N ILE B 172 5.78 4.29 10.49
CA ILE B 172 5.26 4.58 9.15
C ILE B 172 3.98 3.80 8.85
N ARG B 173 3.95 2.57 9.34
CA ARG B 173 2.82 1.70 9.15
C ARG B 173 1.60 2.27 9.78
N GLU B 174 1.71 2.86 10.95
CA GLU B 174 0.56 3.46 11.62
C GLU B 174 0.01 4.66 10.82
N HIS B 175 0.90 5.52 10.33
CA HIS B 175 0.50 6.57 9.41
C HIS B 175 -0.32 6.00 8.25
N ASN B 176 0.25 5.01 7.58
CA ASN B 176 -0.42 4.41 6.42
C ASN B 176 -1.78 3.80 6.75
N GLU B 177 -1.93 3.26 7.97
CA GLU B 177 -3.21 2.75 8.45
C GLU B 177 -4.23 3.87 8.62
N VAL B 178 -3.80 4.97 9.22
CA VAL B 178 -4.68 6.11 9.38
C VAL B 178 -5.18 6.60 8.01
N ILE B 179 -4.23 6.85 7.12
CA ILE B 179 -4.54 7.33 5.77
C ILE B 179 -5.48 6.39 5.01
N GLY B 180 -5.12 5.10 5.00
CA GLY B 180 -5.96 4.08 4.39
C GLY B 180 -7.38 4.04 4.92
N MET B 181 -7.55 4.06 6.25
CA MET B 181 -8.88 4.04 6.82
C MET B 181 -9.69 5.25 6.37
N ASP B 182 -9.07 6.42 6.42
CA ASP B 182 -9.72 7.64 5.97
C ASP B 182 -10.21 7.48 4.53
N ALA B 183 -9.36 6.90 3.69
CA ALA B 183 -9.72 6.63 2.30
C ALA B 183 -10.97 5.75 2.20
N ALA B 184 -10.94 4.62 2.93
CA ALA B 184 -12.06 3.70 2.94
C ALA B 184 -13.35 4.38 3.38
N LEU B 185 -13.27 5.18 4.42
CA LEU B 185 -14.43 5.87 4.96
C LEU B 185 -15.01 6.85 3.93
N ARG B 186 -14.14 7.61 3.27
CA ARG B 186 -14.58 8.58 2.28
C ARG B 186 -15.27 7.85 1.13
N PHE B 187 -14.71 6.72 0.74
CA PHE B 187 -15.29 5.87 -0.30
C PHE B 187 -16.68 5.41 0.09
N LEU B 188 -16.79 4.99 1.34
CA LEU B 188 -18.04 4.55 1.90
C LEU B 188 -19.08 5.66 1.75
N ASN B 189 -18.71 6.89 2.11
CA ASN B 189 -19.68 7.98 2.06
C ASN B 189 -20.03 8.48 0.66
N CYS B 190 -19.06 8.45 -0.24
CA CYS B 190 -19.29 9.05 -1.55
C CYS B 190 -19.54 8.05 -2.67
N SER B 191 -19.68 6.77 -2.35
CA SER B 191 -20.02 5.81 -3.40
C SER B 191 -21.10 4.86 -2.94
N LEU B 192 -20.99 4.39 -1.71
CA LEU B 192 -21.82 3.31 -1.22
C LEU B 192 -23.11 3.84 -0.59
N LEU B 193 -23.24 5.15 -0.46
CA LEU B 193 -24.46 5.74 0.13
C LEU B 193 -25.35 6.46 -0.89
N SER B 194 -24.87 6.60 -2.12
CA SER B 194 -25.68 7.11 -3.21
C SER B 194 -26.86 6.16 -3.45
N LYS B 195 -28.08 6.69 -3.36
CA LYS B 195 -29.32 5.87 -3.44
C LYS B 195 -29.40 5.03 -4.73
N GLU B 196 -28.64 5.44 -5.75
CA GLU B 196 -28.53 4.72 -7.00
C GLU B 196 -27.84 3.36 -6.83
N HIS B 197 -27.23 3.15 -5.66
CA HIS B 197 -26.47 1.94 -5.39
C HIS B 197 -27.35 0.76 -4.93
N ASP B 198 -28.26 1.00 -3.98
CA ASP B 198 -29.16 -0.02 -3.44
C ASP B 198 -28.44 -1.27 -2.90
N GLU B 199 -28.19 -2.25 -3.77
CA GLU B 199 -27.53 -3.48 -3.35
C GLU B 199 -26.05 -3.30 -2.96
N ILE B 200 -25.61 -4.11 -1.99
CA ILE B 200 -24.21 -4.13 -1.58
C ILE B 200 -23.48 -5.30 -2.23
N SER B 201 -22.63 -5.02 -3.21
CA SER B 201 -21.91 -6.06 -3.93
C SER B 201 -20.69 -6.58 -3.17
N ILE B 202 -20.12 -7.68 -3.65
CA ILE B 202 -18.89 -8.21 -3.07
C ILE B 202 -17.75 -7.24 -3.36
N ASP B 203 -17.85 -6.58 -4.51
CA ASP B 203 -16.84 -5.59 -4.90
C ASP B 203 -16.86 -4.37 -4.00
N ASP B 204 -17.99 -4.07 -3.36
CA ASP B 204 -18.03 -2.95 -2.43
C ASP B 204 -17.21 -3.24 -1.19
N ILE B 205 -17.36 -4.45 -0.67
CA ILE B 205 -16.58 -4.89 0.48
C ILE B 205 -15.09 -4.98 0.12
N LEU B 206 -14.82 -5.54 -1.06
CA LEU B 206 -13.45 -5.61 -1.57
C LEU B 206 -12.83 -4.24 -1.72
N GLU B 207 -13.61 -3.27 -2.20
CA GLU B 207 -13.10 -1.92 -2.42
C GLU B 207 -12.82 -1.23 -1.11
N MET B 208 -13.70 -1.45 -0.15
CA MET B 208 -13.46 -0.93 1.18
C MET B 208 -12.17 -1.51 1.76
N HIS B 209 -11.96 -2.82 1.60
CA HIS B 209 -10.73 -3.43 2.14
C HIS B 209 -9.49 -2.93 1.40
N ARG B 210 -9.66 -2.69 0.10
CA ARG B 210 -8.55 -2.29 -0.75
C ARG B 210 -8.13 -0.90 -0.29
N ARG B 211 -9.09 -0.10 0.14
CA ARG B 211 -8.72 1.19 0.68
C ARG B 211 -8.24 1.15 2.16
N VAL B 212 -8.82 0.25 2.95
CA VAL B 212 -8.39 0.05 4.34
C VAL B 212 -6.91 -0.31 4.40
N LEU B 213 -6.50 -1.26 3.58
CA LEU B 213 -5.14 -1.79 3.67
C LEU B 213 -4.21 -1.29 2.56
N GLY B 214 -4.75 -0.50 1.63
CA GLY B 214 -4.00 -0.04 0.47
C GLY B 214 -2.61 0.51 0.74
N ASN B 215 -2.53 1.55 1.55
CA ASN B 215 -1.24 2.14 1.88
C ASN B 215 -0.39 1.27 2.81
N ALA B 216 -1.01 0.67 3.82
CA ALA B 216 -0.24 -0.06 4.83
C ALA B 216 0.29 -1.38 4.30
N ASP B 217 -0.50 -2.05 3.48
CA ASP B 217 -0.14 -3.38 2.98
C ASP B 217 -0.74 -3.59 1.59
N PRO B 218 -0.14 -2.99 0.57
CA PRO B 218 -0.75 -2.96 -0.77
C PRO B 218 -0.87 -4.33 -1.45
N VAL B 219 0.07 -5.22 -1.19
CA VAL B 219 0.05 -6.52 -1.83
C VAL B 219 -1.19 -7.34 -1.42
N GLU B 220 -1.66 -7.12 -0.19
CA GLU B 220 -2.79 -7.89 0.36
C GLU B 220 -4.16 -7.21 0.23
N ALA B 221 -4.18 -5.93 -0.10
CA ALA B 221 -5.42 -5.14 -0.10
C ALA B 221 -6.42 -5.54 -1.19
N GLY B 222 -7.68 -5.68 -0.77
CA GLY B 222 -8.76 -6.06 -1.66
C GLY B 222 -8.57 -7.47 -2.17
N ARG B 223 -7.75 -8.24 -1.46
CA ARG B 223 -7.41 -9.56 -1.91
C ARG B 223 -7.72 -10.60 -0.85
N ILE B 224 -8.44 -11.60 -1.30
CA ILE B 224 -8.89 -12.71 -0.50
C ILE B 224 -7.74 -13.64 -0.19
N ARG B 225 -7.68 -14.12 1.04
CA ARG B 225 -6.65 -15.04 1.46
C ARG B 225 -6.76 -16.34 0.66
N THR B 226 -5.62 -16.95 0.33
CA THR B 226 -5.63 -18.17 -0.49
C THR B 226 -5.16 -19.40 0.29
N VAL B 231 -6.77 -28.32 -4.93
CA VAL B 231 -7.50 -29.43 -4.34
C VAL B 231 -7.07 -30.79 -4.93
N GLY B 232 -5.83 -30.85 -5.44
CA GLY B 232 -5.21 -32.10 -5.83
C GLY B 232 -4.41 -32.60 -4.65
N ARG B 233 -4.59 -31.90 -3.53
CA ARG B 233 -4.02 -32.28 -2.25
C ARG B 233 -5.03 -31.95 -1.15
N PHE B 234 -4.53 -31.91 0.08
CA PHE B 234 -5.33 -31.38 1.17
C PHE B 234 -5.26 -29.87 1.19
N THR B 235 -6.42 -29.24 1.31
CA THR B 235 -6.47 -27.86 1.72
C THR B 235 -7.89 -27.56 2.17
N PRO B 236 -8.02 -26.88 3.32
CA PRO B 236 -9.35 -26.56 3.83
C PRO B 236 -9.84 -25.23 3.26
N VAL B 237 -8.88 -24.41 2.79
CA VAL B 237 -9.15 -23.09 2.24
C VAL B 237 -8.92 -23.07 0.74
N SER B 238 -9.75 -22.30 0.04
CA SER B 238 -9.70 -22.20 -1.41
C SER B 238 -10.23 -20.82 -1.80
N PRO B 239 -9.58 -20.15 -2.78
CA PRO B 239 -10.12 -18.84 -3.19
C PRO B 239 -11.60 -18.92 -3.57
N GLU B 240 -11.96 -20.04 -4.18
CA GLU B 240 -13.34 -20.28 -4.60
C GLU B 240 -14.26 -20.42 -3.40
N TYR B 241 -13.78 -21.07 -2.34
CA TYR B 241 -14.61 -21.28 -1.17
C TYR B 241 -14.78 -20.01 -0.33
N VAL B 242 -13.70 -19.25 -0.17
CA VAL B 242 -13.81 -18.04 0.64
C VAL B 242 -14.65 -17.02 -0.11
N MET B 243 -14.42 -16.94 -1.43
CA MET B 243 -15.22 -16.05 -2.26
C MET B 243 -16.71 -16.42 -2.15
N GLU B 244 -17.00 -17.72 -2.19
CA GLU B 244 -18.39 -18.17 -2.10
C GLU B 244 -19.01 -17.83 -0.73
N GLN B 245 -18.25 -17.97 0.36
CA GLN B 245 -18.80 -17.58 1.66
C GLN B 245 -19.13 -16.09 1.70
N LEU B 246 -18.26 -15.28 1.07
CA LEU B 246 -18.54 -13.85 0.95
C LEU B 246 -19.84 -13.60 0.19
N LYS B 247 -20.01 -14.35 -0.89
CA LYS B 247 -21.22 -14.25 -1.70
C LYS B 247 -22.45 -14.58 -0.84
N ASP B 248 -22.36 -15.63 -0.03
CA ASP B 248 -23.45 -15.97 0.87
C ASP B 248 -23.75 -14.77 1.78
N ILE B 249 -22.71 -14.14 2.30
CA ILE B 249 -22.91 -12.99 3.16
C ILE B 249 -23.68 -11.86 2.45
N VAL B 250 -23.19 -11.44 1.29
CA VAL B 250 -23.83 -10.31 0.58
C VAL B 250 -25.27 -10.65 0.22
N ASP B 251 -25.49 -11.88 -0.26
CA ASP B 251 -26.81 -12.31 -0.67
C ASP B 251 -27.73 -12.24 0.55
N TRP B 252 -27.26 -12.69 1.70
CA TRP B 252 -28.05 -12.54 2.91
C TRP B 252 -28.37 -11.05 3.18
N LEU B 253 -27.41 -10.16 2.92
CA LEU B 253 -27.63 -8.73 3.15
C LEU B 253 -28.66 -8.09 2.22
N ASN B 254 -28.77 -8.57 0.99
CA ASN B 254 -29.67 -7.91 0.04
C ASN B 254 -31.02 -8.59 -0.10
N ASP B 255 -31.14 -9.78 0.47
CA ASP B 255 -32.40 -10.53 0.51
C ASP B 255 -33.48 -9.72 1.27
N GLU B 256 -34.71 -9.77 0.79
CA GLU B 256 -35.76 -8.87 1.30
C GLU B 256 -36.19 -9.23 2.70
N SER B 257 -36.17 -10.52 3.03
CA SER B 257 -36.56 -10.95 4.37
C SER B 257 -35.70 -10.28 5.44
N THR B 258 -34.43 -10.08 5.13
CA THR B 258 -33.48 -9.54 6.09
C THR B 258 -33.55 -8.01 6.15
N LEU B 259 -34.42 -7.41 5.34
CA LEU B 259 -34.68 -5.98 5.45
C LEU B 259 -35.72 -5.70 6.52
N THR B 260 -36.40 -6.76 6.96
CA THR B 260 -37.50 -6.64 7.90
C THR B 260 -37.00 -6.65 9.35
N ILE B 261 -35.73 -6.97 9.55
CA ILE B 261 -35.14 -6.97 10.89
C ILE B 261 -34.52 -5.61 11.18
N ASP B 262 -34.44 -5.28 12.48
CA ASP B 262 -33.87 -4.00 12.93
C ASP B 262 -32.47 -3.78 12.36
N PRO B 263 -32.25 -2.60 11.76
CA PRO B 263 -30.96 -2.19 11.21
C PRO B 263 -29.79 -2.46 12.16
N ILE B 264 -29.97 -2.19 13.45
CA ILE B 264 -28.91 -2.42 14.42
C ILE B 264 -28.54 -3.90 14.52
N GLU B 265 -29.55 -4.75 14.60
CA GLU B 265 -29.29 -6.17 14.65
C GLU B 265 -28.70 -6.70 13.34
N ARG B 266 -29.24 -6.19 12.22
CA ARG B 266 -28.71 -6.50 10.90
C ARG B 266 -27.20 -6.18 10.86
N ALA B 267 -26.84 -5.01 11.37
CA ALA B 267 -25.46 -4.54 11.43
C ALA B 267 -24.57 -5.44 12.31
N ALA B 268 -25.03 -5.74 13.51
CA ALA B 268 -24.29 -6.61 14.40
C ALA B 268 -24.05 -7.98 13.76
N ILE B 269 -25.08 -8.53 13.15
CA ILE B 269 -24.96 -9.85 12.56
C ILE B 269 -24.00 -9.81 11.37
N ALA B 270 -24.04 -8.73 10.59
CA ALA B 270 -23.11 -8.56 9.49
C ALA B 270 -21.66 -8.57 9.99
N HIS B 271 -21.40 -7.70 10.96
CA HIS B 271 -20.11 -7.64 11.61
C HIS B 271 -19.63 -9.03 12.02
N TYR B 272 -20.51 -9.76 12.70
CA TYR B 272 -20.20 -11.08 13.23
C TYR B 272 -19.87 -12.09 12.13
N LYS B 273 -20.72 -12.13 11.11
CA LYS B 273 -20.54 -13.03 10.00
C LYS B 273 -19.21 -12.78 9.27
N LEU B 274 -18.94 -11.51 8.97
CA LEU B 274 -17.69 -11.17 8.28
C LEU B 274 -16.48 -11.53 9.15
N VAL B 275 -16.52 -11.17 10.43
CA VAL B 275 -15.41 -11.48 11.30
C VAL B 275 -15.16 -12.98 11.40
N LEU B 276 -16.23 -13.78 11.34
CA LEU B 276 -16.06 -15.22 11.44
C LEU B 276 -15.60 -15.88 10.14
N VAL B 277 -16.08 -15.43 8.99
CA VAL B 277 -15.51 -15.94 7.74
C VAL B 277 -14.04 -15.52 7.61
N HIS B 278 -13.77 -14.27 7.98
CA HIS B 278 -12.44 -13.61 7.92
C HIS B 278 -11.70 -13.91 6.59
N PRO B 279 -12.21 -13.32 5.49
CA PRO B 279 -11.81 -13.57 4.10
C PRO B 279 -10.49 -12.90 3.70
N PHE B 280 -9.94 -12.07 4.58
CA PHE B 280 -8.70 -11.39 4.31
C PHE B 280 -7.61 -11.90 5.23
N THR B 281 -6.35 -11.75 4.82
CA THR B 281 -5.21 -12.10 5.68
C THR B 281 -5.15 -11.15 6.87
N ASP B 282 -5.43 -9.87 6.66
CA ASP B 282 -5.51 -8.90 7.75
C ASP B 282 -6.53 -7.82 7.41
N GLY B 283 -6.83 -6.97 8.39
CA GLY B 283 -7.79 -5.89 8.19
C GLY B 283 -9.25 -6.32 8.32
N ASN B 284 -9.47 -7.55 8.79
CA ASN B 284 -10.82 -8.07 8.93
C ASN B 284 -11.69 -7.29 9.91
N GLY B 285 -11.20 -7.07 11.12
CA GLY B 285 -11.95 -6.32 12.11
C GLY B 285 -12.32 -4.90 11.69
N ARG B 286 -11.34 -4.16 11.14
CA ARG B 286 -11.57 -2.81 10.64
C ARG B 286 -12.62 -2.79 9.53
N THR B 287 -12.51 -3.72 8.59
CA THR B 287 -13.45 -3.80 7.48
C THR B 287 -14.85 -4.17 7.98
N ALA B 288 -14.90 -5.05 8.98
CA ALA B 288 -16.15 -5.46 9.63
C ALA B 288 -16.85 -4.30 10.34
N ARG B 289 -16.08 -3.48 11.04
CA ARG B 289 -16.67 -2.32 11.69
C ARG B 289 -17.13 -1.36 10.62
N LEU B 290 -16.41 -1.34 9.52
CA LEU B 290 -16.76 -0.47 8.41
C LEU B 290 -18.11 -0.89 7.84
N LEU B 291 -18.24 -2.19 7.61
CA LEU B 291 -19.45 -2.79 7.07
C LEU B 291 -20.64 -2.53 7.97
N LEU B 292 -20.41 -2.74 9.27
CA LEU B 292 -21.39 -2.39 10.28
C LEU B 292 -21.87 -0.97 10.03
N ASN B 293 -20.91 -0.06 9.96
CA ASN B 293 -21.23 1.34 9.79
C ASN B 293 -21.99 1.69 8.50
N LEU B 294 -21.57 1.09 7.38
CA LEU B 294 -22.25 1.24 6.12
C LEU B 294 -23.72 0.87 6.30
N ILE B 295 -23.98 -0.33 6.79
CA ILE B 295 -25.35 -0.78 7.06
C ILE B 295 -26.13 0.21 7.94
N MET B 296 -25.51 0.70 9.00
CA MET B 296 -26.18 1.63 9.89
C MET B 296 -26.50 2.98 9.24
N MET B 297 -25.64 3.42 8.31
CA MET B 297 -25.81 4.72 7.66
C MET B 297 -26.87 4.65 6.57
N ARG B 298 -26.95 3.53 5.86
CA ARG B 298 -27.97 3.38 4.83
C ARG B 298 -29.36 3.29 5.44
N SER B 299 -29.41 3.17 6.78
CA SER B 299 -30.68 3.17 7.48
C SER B 299 -30.85 4.48 8.24
N GLY B 300 -30.08 5.50 7.83
CA GLY B 300 -30.27 6.83 8.37
C GLY B 300 -29.53 7.19 9.65
N PHE B 301 -28.57 6.36 10.07
CA PHE B 301 -27.77 6.69 11.25
C PHE B 301 -26.55 7.51 10.90
N PRO B 302 -26.10 8.36 11.83
CA PRO B 302 -24.80 8.99 11.66
C PRO B 302 -23.73 7.92 11.78
N PRO B 303 -22.47 8.22 11.44
CA PRO B 303 -21.43 7.20 11.61
C PRO B 303 -21.39 6.64 13.03
N VAL B 304 -21.22 5.33 13.14
CA VAL B 304 -21.20 4.69 14.46
C VAL B 304 -19.77 4.48 14.93
N ILE B 305 -19.43 5.18 16.01
CA ILE B 305 -18.08 5.09 16.51
C ILE B 305 -18.06 4.18 17.74
N LEU B 306 -17.38 3.05 17.59
CA LEU B 306 -17.12 2.15 18.71
C LEU B 306 -15.81 2.59 19.35
N PRO B 307 -15.91 3.29 20.49
CA PRO B 307 -14.71 3.93 21.04
C PRO B 307 -13.71 2.95 21.61
N VAL B 308 -12.42 3.31 21.52
CA VAL B 308 -11.32 2.43 21.89
C VAL B 308 -11.29 2.28 23.40
N GLU B 309 -11.80 3.29 24.11
CA GLU B 309 -11.97 3.23 25.56
C GLU B 309 -12.86 2.05 25.97
N THR B 310 -13.70 1.58 25.06
CA THR B 310 -14.59 0.47 25.37
C THR B 310 -14.13 -0.84 24.72
N ARG B 311 -12.88 -0.87 24.27
CA ARG B 311 -12.30 -2.02 23.58
C ARG B 311 -12.66 -3.37 24.28
N ALA B 312 -12.41 -3.46 25.59
CA ALA B 312 -12.73 -4.66 26.36
C ALA B 312 -14.19 -5.12 26.17
N GLU B 313 -15.11 -4.19 26.42
CA GLU B 313 -16.52 -4.46 26.26
C GLU B 313 -16.76 -5.02 24.88
N TYR B 314 -16.20 -4.35 23.89
CA TYR B 314 -16.33 -4.76 22.50
C TYR B 314 -16.02 -6.26 22.42
N TYR B 315 -14.81 -6.64 22.79
CA TYR B 315 -14.41 -8.04 22.65
C TYR B 315 -15.22 -8.93 23.59
N ALA B 316 -15.52 -8.43 24.78
CA ALA B 316 -16.31 -9.21 25.72
C ALA B 316 -17.62 -9.60 25.02
N SER B 317 -18.25 -8.63 24.34
CA SER B 317 -19.53 -8.96 23.76
C SER B 317 -19.30 -9.98 22.65
N LEU B 318 -18.23 -9.81 21.89
CA LEU B 318 -17.90 -10.75 20.82
C LEU B 318 -17.63 -12.13 21.39
N HIS B 319 -17.06 -12.17 22.60
CA HIS B 319 -16.81 -13.44 23.28
C HIS B 319 -18.13 -14.19 23.43
N VAL B 320 -19.14 -13.47 23.92
CA VAL B 320 -20.43 -14.08 24.18
C VAL B 320 -21.07 -14.49 22.87
N ALA B 321 -20.72 -13.82 21.78
CA ALA B 321 -21.35 -14.19 20.52
C ALA B 321 -20.91 -15.58 20.15
N ASN B 322 -19.68 -15.93 20.51
CA ASN B 322 -19.16 -17.23 20.13
C ASN B 322 -19.72 -18.32 21.03
N LEU B 323 -20.47 -17.92 22.06
CA LEU B 323 -21.11 -18.88 22.93
C LEU B 323 -22.54 -19.09 22.46
N GLY B 324 -22.93 -18.34 21.44
CA GLY B 324 -24.25 -18.47 20.83
C GLY B 324 -25.17 -17.30 21.06
N ASP B 325 -24.68 -16.29 21.77
CA ASP B 325 -25.52 -15.18 22.15
C ASP B 325 -25.06 -13.82 21.55
N LEU B 326 -25.78 -13.37 20.53
CA LEU B 326 -25.43 -12.13 19.87
C LEU B 326 -26.05 -10.91 20.56
N ARG B 327 -26.77 -11.14 21.64
CA ARG B 327 -27.51 -10.03 22.25
C ARG B 327 -26.60 -8.98 22.91
N PRO B 328 -25.57 -9.41 23.67
CA PRO B 328 -24.70 -8.39 24.25
C PRO B 328 -24.08 -7.45 23.21
N PHE B 329 -23.65 -8.01 22.08
CA PHE B 329 -23.04 -7.20 21.03
C PHE B 329 -24.08 -6.24 20.45
N VAL B 330 -25.28 -6.73 20.18
CA VAL B 330 -26.35 -5.86 19.69
C VAL B 330 -26.60 -4.70 20.65
N ARG B 331 -26.61 -5.02 21.94
CA ARG B 331 -26.81 -4.01 22.97
C ARG B 331 -25.68 -3.02 22.95
N TYR B 332 -24.48 -3.50 22.66
CA TYR B 332 -23.28 -2.66 22.59
C TYR B 332 -23.35 -1.65 21.44
N VAL B 333 -23.56 -2.15 20.22
CA VAL B 333 -23.62 -1.23 19.09
C VAL B 333 -24.82 -0.29 19.23
N ALA B 334 -25.92 -0.76 19.82
CA ALA B 334 -27.06 0.11 20.09
C ALA B 334 -26.65 1.24 21.03
N LYS B 335 -26.02 0.89 22.14
CA LYS B 335 -25.56 1.88 23.09
C LYS B 335 -24.72 2.97 22.43
N HIS B 336 -23.83 2.55 21.53
CA HIS B 336 -22.88 3.52 21.00
C HIS B 336 -23.38 4.30 19.79
N SER B 337 -24.30 3.74 19.01
CA SER B 337 -24.93 4.59 18.01
C SER B 337 -25.83 5.60 18.73
N GLU B 338 -26.40 5.20 19.86
CA GLU B 338 -27.16 6.16 20.65
C GLU B 338 -26.21 7.27 21.14
N ALA B 339 -25.01 6.92 21.60
CA ALA B 339 -24.06 7.95 22.04
C ALA B 339 -23.57 8.84 20.88
N SER B 340 -23.50 8.28 19.68
CA SER B 340 -23.16 9.05 18.47
C SER B 340 -24.23 10.10 18.15
N ILE B 341 -25.45 9.62 17.97
CA ILE B 341 -26.57 10.51 17.73
C ILE B 341 -26.60 11.57 18.82
N GLN B 342 -26.34 11.14 20.05
CA GLN B 342 -26.33 12.05 21.19
C GLN B 342 -25.24 13.10 21.04
N ARG B 343 -24.09 12.69 20.53
CA ARG B 343 -22.99 13.62 20.24
C ARG B 343 -23.49 14.74 19.33
N TYR B 344 -24.16 14.37 18.24
CA TYR B 344 -24.68 15.41 17.35
C TYR B 344 -25.81 16.24 17.96
N ILE B 345 -26.76 15.58 18.62
CA ILE B 345 -27.92 16.24 19.22
C ILE B 345 -27.52 17.26 20.28
N GLY B 346 -26.71 16.82 21.24
CA GLY B 346 -26.22 17.66 22.32
C GLY B 346 -25.41 18.90 21.91
N ALA B 347 -24.76 18.84 20.75
CA ALA B 347 -23.98 19.97 20.26
C ALA B 347 -24.83 21.08 19.62
N MET B 348 -26.14 21.04 19.84
CA MET B 348 -27.03 22.08 19.31
C MET B 348 -27.84 22.71 20.44
S SO4 C . 7.19 8.36 -14.26
O1 SO4 C . 8.11 7.22 -14.38
O2 SO4 C . 5.81 7.98 -14.58
O3 SO4 C . 7.60 9.42 -15.18
O4 SO4 C . 7.26 8.87 -12.88
S SO4 D . -7.67 -6.08 12.06
O1 SO4 D . -7.84 -5.60 13.44
O2 SO4 D . -8.05 -7.50 11.91
O3 SO4 D . -6.27 -5.97 11.61
O4 SO4 D . -8.54 -5.21 11.27
#